data_5M92
#
_entry.id   5M92
#
_cell.length_a   73.944
_cell.length_b   73.944
_cell.length_c   185.109
_cell.angle_alpha   90.00
_cell.angle_beta   90.00
_cell.angle_gamma   90.00
#
_symmetry.space_group_name_H-M   'P 41'
#
loop_
_entity.id
_entity.type
_entity.pdbx_description
1 polymer 'Tetrachloroethene reductive dehalogenase catalytic subunit PceA'
2 non-polymer 'IRON/SULFUR CLUSTER'
3 non-polymer NORPSEUDO-B12
4 non-polymer BENZAMIDINE
5 non-polymer GLYCEROL
6 non-polymer 2,4-bis(bromanyl)phenol
7 non-polymer 'BROMIDE ION'
8 water water
#
_entity_poly.entity_id   1
_entity_poly.type   'polypeptide(L)'
_entity_poly.pdbx_seq_one_letter_code
;AEKEKNAAEIRQQFAMTAGSPIIVNDKLERYAEVRTAFTHPTSFFKPNYKGEVKPWFLSAYDEKVRQIENGENGPKMKAK
NVGEARAGRALEAAGWTLDINYGNIYPNRFFMLWSGETMTNTQLWAPVGLDRRPPDTTDPVELTNYVKFAARMAGADLVG
VARLNRNWVYSEAVTIPADVPYEQSLHKEIEKPIVFKDVPLPIETDDELIIPNTCENVIVAGIAMNREMMQTAPNSMACA
TTAFCYSRMCMFDMWLCQFIRYMGYYAIPSCNGVGQSVAFAVEAGLGQASRMGACITPEFGPNVRLTKVFTNMPLVPDKP
IDFGVTEFCETCKKCARECPSKAITEGPRTFEGRSIHNQSGKLQWQNDYNKCLGYWPESGGYCGVCVAVCPFTKGNIWIH
DGVEWLIDNTRFLDPLMLGMDDALGYGAKRNITEVWDGKINTYGLDADHFRDTVSFRKDRVKKS
;
_entity_poly.pdbx_strand_id   A,B
#
# COMPACT_ATOMS: atom_id res chain seq x y z
N LYS A 3 31.43 -13.75 -2.83
CA LYS A 3 31.01 -12.45 -2.35
C LYS A 3 29.51 -12.28 -2.47
N GLU A 4 28.88 -11.77 -1.41
CA GLU A 4 27.43 -11.73 -1.36
C GLU A 4 26.90 -10.44 -1.98
N LYS A 5 25.76 -10.59 -2.65
CA LYS A 5 25.22 -9.62 -3.59
C LYS A 5 25.08 -8.22 -3.00
N ASN A 6 25.26 -7.21 -3.86
CA ASN A 6 25.31 -5.81 -3.42
C ASN A 6 24.75 -4.93 -4.55
N ALA A 7 23.49 -4.51 -4.40
CA ALA A 7 22.85 -3.73 -5.45
C ALA A 7 23.43 -2.32 -5.56
N ALA A 8 23.86 -1.75 -4.43
CA ALA A 8 24.47 -0.43 -4.47
C ALA A 8 25.79 -0.45 -5.24
N GLU A 9 26.60 -1.50 -5.03
CA GLU A 9 27.83 -1.68 -5.79
C GLU A 9 27.54 -1.83 -7.28
N ILE A 10 26.54 -2.64 -7.62
CA ILE A 10 26.20 -2.85 -9.03
C ILE A 10 25.80 -1.53 -9.67
N ARG A 11 24.96 -0.74 -8.99
CA ARG A 11 24.54 0.51 -9.59
C ARG A 11 25.70 1.48 -9.73
N GLN A 12 26.61 1.49 -8.75
CA GLN A 12 27.76 2.39 -8.86
C GLN A 12 28.66 1.97 -10.02
N GLN A 13 28.83 0.66 -10.24
CA GLN A 13 29.75 0.17 -11.26
C GLN A 13 29.29 0.51 -12.67
N PHE A 14 27.99 0.50 -12.90
CA PHE A 14 27.43 0.69 -14.24
C PHE A 14 26.83 2.09 -14.45
N ALA A 15 27.07 3.01 -13.52
CA ALA A 15 26.58 4.38 -13.70
C ALA A 15 27.22 5.03 -14.92
N MET A 16 26.44 5.84 -15.63
N MET A 16 26.47 5.88 -15.60
CA MET A 16 26.85 6.59 -16.81
CA MET A 16 26.96 6.58 -16.78
C MET A 16 27.12 8.05 -16.44
C MET A 16 26.97 8.08 -16.52
N THR A 17 27.64 8.80 -17.41
CA THR A 17 27.70 10.24 -17.30
C THR A 17 26.33 10.83 -17.63
N ALA A 18 26.12 12.07 -17.19
CA ALA A 18 24.79 12.69 -17.28
C ALA A 18 24.36 12.88 -18.74
N GLY A 19 23.05 12.88 -18.95
CA GLY A 19 22.47 13.02 -20.27
C GLY A 19 21.43 11.95 -20.54
N SER A 20 20.31 12.33 -21.14
CA SER A 20 19.28 11.38 -21.50
C SER A 20 19.88 10.27 -22.38
N PRO A 21 19.76 9.00 -22.00
CA PRO A 21 20.30 7.94 -22.85
C PRO A 21 19.51 7.71 -24.13
N ILE A 22 18.28 8.23 -24.20
CA ILE A 22 17.37 7.91 -25.30
C ILE A 22 17.77 8.71 -26.53
N ILE A 23 17.97 8.02 -27.65
CA ILE A 23 18.43 8.64 -28.89
C ILE A 23 17.23 9.00 -29.73
N VAL A 24 17.19 10.24 -30.22
CA VAL A 24 16.01 10.76 -30.92
C VAL A 24 16.46 11.45 -32.20
N ASN A 25 15.50 11.62 -33.12
CA ASN A 25 15.77 12.42 -34.31
C ASN A 25 14.68 13.47 -34.48
N ASP A 26 14.59 14.06 -35.68
CA ASP A 26 13.77 15.24 -35.90
C ASP A 26 12.30 14.94 -36.10
N LYS A 27 11.90 13.69 -36.34
CA LYS A 27 10.48 13.39 -36.49
C LYS A 27 9.78 13.14 -35.16
N LEU A 28 10.49 13.32 -34.04
CA LEU A 28 9.90 13.11 -32.72
C LEU A 28 8.89 14.21 -32.41
N GLU A 29 7.66 13.79 -32.09
CA GLU A 29 6.62 14.67 -31.58
C GLU A 29 6.01 14.04 -30.34
N ARG A 30 5.47 14.87 -29.45
CA ARG A 30 4.77 14.32 -28.30
C ARG A 30 3.58 13.49 -28.76
N TYR A 31 3.21 12.52 -27.92
CA TYR A 31 2.35 11.41 -28.29
C TYR A 31 1.00 11.57 -27.61
N ALA A 32 -0.09 11.52 -28.39
CA ALA A 32 -1.43 11.63 -27.80
C ALA A 32 -1.79 10.31 -27.13
N GLU A 33 -2.16 10.35 -25.85
CA GLU A 33 -2.38 9.13 -25.09
C GLU A 33 -3.46 8.24 -25.72
N VAL A 34 -4.39 8.82 -26.49
CA VAL A 34 -5.46 8.03 -27.08
C VAL A 34 -4.92 6.99 -28.05
N ARG A 35 -3.68 7.16 -28.54
CA ARG A 35 -3.06 6.24 -29.47
C ARG A 35 -2.65 4.91 -28.83
N THR A 36 -2.65 4.78 -27.50
CA THR A 36 -2.30 3.49 -26.91
C THR A 36 -3.31 2.43 -27.32
N ALA A 37 -2.87 1.16 -27.34
CA ALA A 37 -3.76 0.10 -27.80
C ALA A 37 -4.98 -0.05 -26.90
N PHE A 38 -4.83 0.28 -25.62
CA PHE A 38 -5.94 0.19 -24.68
C PHE A 38 -7.09 1.11 -25.05
N THR A 39 -6.79 2.24 -25.70
CA THR A 39 -7.75 3.31 -25.89
C THR A 39 -8.09 3.58 -27.34
N HIS A 40 -7.24 3.24 -28.30
CA HIS A 40 -7.44 3.70 -29.66
C HIS A 40 -8.56 2.91 -30.35
N PRO A 41 -9.41 3.58 -31.14
CA PRO A 41 -10.50 2.85 -31.81
C PRO A 41 -10.04 1.69 -32.69
N THR A 42 -8.84 1.75 -33.27
CA THR A 42 -8.40 0.69 -34.17
C THR A 42 -8.12 -0.60 -33.42
N SER A 43 -7.78 -0.52 -32.13
CA SER A 43 -7.38 -1.67 -31.35
C SER A 43 -8.35 -2.00 -30.22
N PHE A 44 -9.29 -1.10 -29.91
CA PHE A 44 -10.10 -1.19 -28.70
C PHE A 44 -11.08 -2.37 -28.76
N PHE A 45 -11.59 -2.68 -29.93
CA PHE A 45 -12.60 -3.73 -30.08
C PHE A 45 -11.93 -5.04 -30.47
N LYS A 46 -12.25 -6.10 -29.72
CA LYS A 46 -11.74 -7.44 -29.97
C LYS A 46 -12.87 -8.45 -29.83
N PRO A 47 -12.81 -9.54 -30.59
CA PRO A 47 -13.81 -10.60 -30.44
C PRO A 47 -13.62 -11.37 -29.15
N ASN A 48 -14.71 -11.92 -28.63
CA ASN A 48 -14.64 -12.85 -27.53
C ASN A 48 -14.60 -14.27 -28.09
N TYR A 49 -14.73 -15.29 -27.23
CA TYR A 49 -14.58 -16.65 -27.70
C TYR A 49 -15.79 -17.14 -28.47
N LYS A 50 -16.90 -16.39 -28.47
CA LYS A 50 -18.05 -16.69 -29.31
C LYS A 50 -18.05 -15.87 -30.59
N GLY A 51 -16.98 -15.12 -30.86
CA GLY A 51 -16.92 -14.27 -32.04
C GLY A 51 -17.57 -12.90 -31.91
N GLU A 52 -18.10 -12.54 -30.74
CA GLU A 52 -18.74 -11.24 -30.57
C GLU A 52 -17.71 -10.13 -30.35
N VAL A 53 -17.85 -9.03 -31.07
CA VAL A 53 -16.88 -7.93 -31.02
C VAL A 53 -17.30 -6.94 -29.94
N LYS A 54 -16.46 -6.79 -28.93
CA LYS A 54 -16.74 -5.98 -27.75
C LYS A 54 -15.54 -5.11 -27.43
N PRO A 55 -15.70 -4.13 -26.54
CA PRO A 55 -14.52 -3.55 -25.90
C PRO A 55 -13.64 -4.67 -25.40
N TRP A 56 -12.33 -4.53 -25.63
CA TRP A 56 -11.42 -5.65 -25.40
C TRP A 56 -11.56 -6.22 -23.98
N PHE A 57 -11.69 -5.36 -22.97
CA PHE A 57 -11.69 -5.89 -21.61
C PHE A 57 -13.00 -6.62 -21.28
N LEU A 58 -14.10 -6.31 -21.96
CA LEU A 58 -15.30 -7.12 -21.78
C LEU A 58 -15.16 -8.49 -22.44
N SER A 59 -14.51 -8.55 -23.60
CA SER A 59 -14.24 -9.87 -24.20
C SER A 59 -13.36 -10.71 -23.28
N ALA A 60 -12.38 -10.07 -22.62
CA ALA A 60 -11.54 -10.80 -21.67
C ALA A 60 -12.33 -11.27 -20.46
N TYR A 61 -13.24 -10.42 -19.96
CA TYR A 61 -14.17 -10.85 -18.92
C TYR A 61 -14.87 -12.15 -19.30
N ASP A 62 -15.38 -12.22 -20.54
CA ASP A 62 -16.11 -13.41 -20.98
C ASP A 62 -15.24 -14.67 -20.84
N GLU A 63 -13.95 -14.56 -21.17
CA GLU A 63 -13.05 -15.70 -21.06
C GLU A 63 -12.77 -16.05 -19.60
N LYS A 64 -12.68 -15.05 -18.72
CA LYS A 64 -12.49 -15.35 -17.30
C LYS A 64 -13.66 -16.17 -16.76
N VAL A 65 -14.89 -15.76 -17.08
CA VAL A 65 -16.07 -16.50 -16.65
C VAL A 65 -16.05 -17.92 -17.21
N ARG A 66 -15.73 -18.05 -18.50
CA ARG A 66 -15.63 -19.37 -19.13
C ARG A 66 -14.62 -20.26 -18.43
N GLN A 67 -13.48 -19.71 -18.01
CA GLN A 67 -12.43 -20.52 -17.40
C GLN A 67 -12.84 -21.01 -16.01
N ILE A 68 -13.43 -20.12 -15.19
CA ILE A 68 -13.93 -20.54 -13.89
C ILE A 68 -14.95 -21.66 -14.05
N GLU A 69 -15.89 -21.49 -14.98
CA GLU A 69 -16.92 -22.51 -15.19
C GLU A 69 -16.31 -23.84 -15.60
N ASN A 70 -15.17 -23.82 -16.31
CA ASN A 70 -14.53 -25.04 -16.80
C ASN A 70 -13.36 -25.48 -15.92
N GLY A 71 -13.19 -24.88 -14.75
CA GLY A 71 -12.09 -25.26 -13.87
C GLY A 71 -10.71 -25.04 -14.45
N GLU A 72 -10.48 -23.86 -15.03
CA GLU A 72 -9.21 -23.52 -15.66
C GLU A 72 -8.62 -22.26 -15.03
N ASN A 73 -7.28 -22.23 -14.92
CA ASN A 73 -6.56 -21.07 -14.41
C ASN A 73 -6.04 -20.17 -15.51
N GLY A 74 -6.29 -20.54 -16.75
CA GLY A 74 -5.77 -19.85 -17.91
C GLY A 74 -6.12 -20.63 -19.15
N PRO A 75 -5.67 -20.17 -20.31
CA PRO A 75 -6.07 -20.83 -21.56
C PRO A 75 -5.53 -22.26 -21.64
N LYS A 76 -6.44 -23.22 -21.71
CA LYS A 76 -6.10 -24.65 -21.79
C LYS A 76 -5.19 -25.07 -20.64
N MET A 77 -5.33 -24.42 -19.50
CA MET A 77 -4.57 -24.78 -18.30
C MET A 77 -5.56 -25.17 -17.23
N LYS A 78 -5.65 -26.46 -16.95
CA LYS A 78 -6.65 -26.96 -16.01
C LYS A 78 -6.24 -26.64 -14.58
N ALA A 79 -7.17 -26.09 -13.81
CA ALA A 79 -6.94 -25.87 -12.39
C ALA A 79 -7.11 -27.17 -11.62
N LYS A 80 -6.76 -27.13 -10.33
CA LYS A 80 -7.01 -28.28 -9.46
C LYS A 80 -8.50 -28.59 -9.39
N ASN A 81 -9.34 -27.56 -9.36
CA ASN A 81 -10.80 -27.67 -9.33
C ASN A 81 -11.36 -26.29 -9.60
N VAL A 82 -12.69 -26.19 -9.63
CA VAL A 82 -13.33 -24.90 -9.87
C VAL A 82 -13.04 -23.91 -8.74
N GLY A 83 -12.95 -24.41 -7.50
CA GLY A 83 -12.68 -23.52 -6.38
C GLY A 83 -11.34 -22.81 -6.52
N GLU A 84 -10.33 -23.54 -7.01
CA GLU A 84 -9.03 -22.91 -7.26
C GLU A 84 -9.12 -21.91 -8.41
N ALA A 85 -9.80 -22.26 -9.50
CA ALA A 85 -9.97 -21.29 -10.59
C ALA A 85 -10.65 -20.02 -10.09
N ARG A 86 -11.70 -20.18 -9.27
N ARG A 86 -11.67 -20.16 -9.24
CA ARG A 86 -12.41 -19.03 -8.70
CA ARG A 86 -12.38 -18.98 -8.76
C ARG A 86 -11.49 -18.18 -7.84
C ARG A 86 -11.53 -18.17 -7.78
N ALA A 87 -10.64 -18.83 -7.04
CA ALA A 87 -9.81 -18.10 -6.09
C ALA A 87 -8.79 -17.21 -6.80
N GLY A 88 -8.26 -17.68 -7.94
CA GLY A 88 -7.29 -16.88 -8.65
C GLY A 88 -7.89 -15.61 -9.22
N ARG A 89 -9.11 -15.70 -9.76
CA ARG A 89 -9.76 -14.52 -10.31
C ARG A 89 -10.26 -13.60 -9.20
N ALA A 90 -10.65 -14.16 -8.06
CA ALA A 90 -11.03 -13.32 -6.93
C ALA A 90 -9.84 -12.53 -6.41
N LEU A 91 -8.66 -13.15 -6.32
CA LEU A 91 -7.45 -12.44 -5.95
C LEU A 91 -7.12 -11.34 -6.95
N GLU A 92 -7.15 -11.67 -8.25
CA GLU A 92 -6.92 -10.67 -9.28
C GLU A 92 -7.87 -9.48 -9.13
N ALA A 93 -9.18 -9.74 -9.05
CA ALA A 93 -10.13 -8.63 -9.03
C ALA A 93 -9.93 -7.76 -7.81
N ALA A 94 -9.66 -8.37 -6.65
CA ALA A 94 -9.47 -7.61 -5.43
C ALA A 94 -8.20 -6.76 -5.50
N GLY A 95 -7.17 -7.22 -6.22
CA GLY A 95 -5.94 -6.44 -6.32
C GLY A 95 -6.17 -5.01 -6.81
N TRP A 96 -7.15 -4.82 -7.70
CA TRP A 96 -7.43 -3.55 -8.36
C TRP A 96 -8.22 -2.57 -7.48
N THR A 97 -8.38 -2.81 -6.18
CA THR A 97 -9.34 -2.05 -5.38
C THR A 97 -9.06 -0.54 -5.42
N LEU A 98 -7.80 -0.14 -5.36
CA LEU A 98 -7.48 1.29 -5.32
C LEU A 98 -7.04 1.81 -6.70
N ASP A 99 -7.64 1.31 -7.77
CA ASP A 99 -7.30 1.74 -9.12
C ASP A 99 -8.58 1.97 -9.91
N ILE A 100 -8.65 3.07 -10.66
CA ILE A 100 -9.82 3.44 -11.45
C ILE A 100 -9.60 2.99 -12.89
N ASN A 101 -10.53 2.18 -13.40
CA ASN A 101 -10.64 1.83 -14.83
C ASN A 101 -9.30 1.41 -15.43
N TYR A 102 -8.55 0.62 -14.67
CA TYR A 102 -7.34 -0.03 -15.15
C TYR A 102 -6.25 0.99 -15.48
N GLY A 103 -5.71 1.65 -14.46
CA GLY A 103 -4.49 2.42 -14.65
C GLY A 103 -4.49 3.81 -14.05
N ASN A 104 -5.66 4.29 -13.59
CA ASN A 104 -5.76 5.65 -13.04
C ASN A 104 -5.30 6.69 -14.04
N ILE A 105 -5.64 6.53 -15.32
CA ILE A 105 -5.03 7.42 -16.32
C ILE A 105 -5.67 8.81 -16.38
N TYR A 106 -6.91 8.99 -15.90
CA TYR A 106 -7.54 10.32 -15.97
C TYR A 106 -6.82 11.31 -15.06
N PRO A 107 -6.19 12.36 -15.58
CA PRO A 107 -5.49 13.30 -14.69
C PRO A 107 -6.47 14.17 -13.92
N ASN A 108 -6.14 14.43 -12.65
CA ASN A 108 -6.92 15.31 -11.78
C ASN A 108 -8.35 14.81 -11.61
N ARG A 109 -8.53 13.49 -11.57
CA ARG A 109 -9.79 12.84 -11.24
C ARG A 109 -9.55 11.77 -10.20
N PHE A 110 -10.53 11.57 -9.31
CA PHE A 110 -10.54 10.47 -8.37
C PHE A 110 -9.31 10.48 -7.46
N PHE A 111 -8.42 9.50 -7.62
CA PHE A 111 -7.21 9.45 -6.78
C PHE A 111 -6.10 10.35 -7.28
N MET A 112 -6.16 10.80 -8.53
CA MET A 112 -5.04 11.49 -9.16
C MET A 112 -5.19 13.02 -9.11
N LEU A 113 -5.56 13.57 -7.95
CA LEU A 113 -5.80 15.01 -7.90
C LEU A 113 -4.49 15.80 -8.01
N TRP A 114 -4.54 16.90 -8.76
CA TRP A 114 -3.35 17.70 -8.98
C TRP A 114 -3.11 18.73 -7.89
N SER A 115 -4.10 18.95 -7.03
CA SER A 115 -3.98 19.70 -5.80
C SER A 115 -4.44 18.83 -4.64
N GLY A 116 -3.84 19.04 -3.48
CA GLY A 116 -4.33 18.33 -2.31
C GLY A 116 -5.45 19.00 -1.55
N GLU A 117 -5.89 20.18 -1.98
CA GLU A 117 -6.71 21.01 -1.11
C GLU A 117 -8.02 20.33 -0.69
N THR A 118 -8.62 19.50 -1.55
CA THR A 118 -9.90 18.89 -1.21
C THR A 118 -9.79 17.53 -0.55
N MET A 119 -8.59 16.95 -0.46
CA MET A 119 -8.46 15.62 0.12
C MET A 119 -8.84 15.64 1.61
N THR A 120 -9.43 14.54 2.08
CA THR A 120 -9.79 14.46 3.49
C THR A 120 -8.57 14.66 4.41
N ASN A 121 -7.41 14.12 4.03
CA ASN A 121 -6.22 14.25 4.86
C ASN A 121 -5.78 15.70 4.96
N THR A 122 -5.81 16.42 3.83
CA THR A 122 -5.42 17.84 3.85
C THR A 122 -6.36 18.65 4.73
N GLN A 123 -7.67 18.42 4.60
CA GLN A 123 -8.64 19.11 5.44
C GLN A 123 -8.38 18.84 6.92
N LEU A 124 -8.15 17.57 7.27
CA LEU A 124 -7.89 17.24 8.67
C LEU A 124 -6.68 18.01 9.20
N TRP A 125 -5.63 18.15 8.38
CA TRP A 125 -4.36 18.73 8.81
C TRP A 125 -4.29 20.24 8.61
N ALA A 126 -5.32 20.83 8.04
CA ALA A 126 -5.31 22.25 7.72
C ALA A 126 -4.85 23.16 8.85
N PRO A 127 -5.21 22.94 10.13
CA PRO A 127 -4.74 23.90 11.16
C PRO A 127 -3.23 24.00 11.26
N VAL A 128 -2.46 22.98 10.84
CA VAL A 128 -1.01 23.07 10.93
C VAL A 128 -0.43 23.94 9.81
N GLY A 129 -1.11 24.05 8.68
CA GLY A 129 -0.65 24.92 7.62
C GLY A 129 0.52 24.42 6.79
N LEU A 130 0.84 23.12 6.85
CA LEU A 130 2.03 22.62 6.15
C LEU A 130 1.96 22.85 4.65
N ASP A 131 0.77 22.78 4.06
CA ASP A 131 0.63 23.01 2.63
C ASP A 131 0.58 24.48 2.26
N ARG A 132 0.45 25.39 3.24
CA ARG A 132 0.49 26.83 2.98
C ARG A 132 1.78 27.50 3.41
N ARG A 133 2.60 26.85 4.22
CA ARG A 133 3.83 27.43 4.73
C ARG A 133 4.93 27.34 3.67
N PRO A 134 5.68 28.41 3.41
CA PRO A 134 6.74 28.32 2.42
C PRO A 134 7.77 27.27 2.83
N PRO A 135 8.48 26.71 1.86
CA PRO A 135 9.43 25.64 2.19
C PRO A 135 10.49 26.12 3.17
N ASP A 136 10.83 25.25 4.12
CA ASP A 136 11.95 25.50 5.02
C ASP A 136 13.26 24.94 4.51
N THR A 137 13.23 24.11 3.47
CA THR A 137 14.41 23.57 2.81
C THR A 137 14.33 23.85 1.32
N THR A 138 15.36 24.48 0.75
CA THR A 138 15.50 24.61 -0.69
C THR A 138 16.75 23.90 -1.22
N ASP A 139 17.56 23.32 -0.34
CA ASP A 139 18.78 22.61 -0.76
C ASP A 139 18.41 21.32 -1.49
N PRO A 140 18.75 21.18 -2.77
CA PRO A 140 18.35 19.96 -3.51
C PRO A 140 18.99 18.70 -2.95
N VAL A 141 20.16 18.80 -2.33
CA VAL A 141 20.79 17.62 -1.76
C VAL A 141 19.95 17.06 -0.62
N GLU A 142 19.61 17.93 0.35
CA GLU A 142 18.78 17.49 1.48
C GLU A 142 17.39 17.07 1.01
N LEU A 143 16.81 17.82 0.06
CA LEU A 143 15.48 17.45 -0.41
C LEU A 143 15.48 16.08 -1.08
N THR A 144 16.55 15.75 -1.79
CA THR A 144 16.61 14.45 -2.45
C THR A 144 16.63 13.33 -1.42
N ASN A 145 17.41 13.50 -0.36
CA ASN A 145 17.44 12.49 0.69
C ASN A 145 16.06 12.35 1.36
N TYR A 146 15.43 13.48 1.72
CA TYR A 146 14.12 13.43 2.38
C TYR A 146 13.09 12.77 1.49
N VAL A 147 13.01 13.17 0.22
CA VAL A 147 11.92 12.68 -0.63
C VAL A 147 12.16 11.22 -0.99
N LYS A 148 13.41 10.78 -1.10
CA LYS A 148 13.64 9.37 -1.37
C LYS A 148 13.34 8.51 -0.15
N PHE A 149 13.65 9.00 1.05
CA PHE A 149 13.26 8.27 2.26
C PHE A 149 11.74 8.13 2.33
N ALA A 150 11.01 9.22 2.07
CA ALA A 150 9.55 9.17 2.08
C ALA A 150 9.04 8.18 1.03
N ALA A 151 9.70 8.13 -0.13
CA ALA A 151 9.27 7.23 -1.20
C ALA A 151 9.36 5.77 -0.76
N ARG A 152 10.40 5.42 -0.01
CA ARG A 152 10.51 4.04 0.46
C ARG A 152 9.44 3.72 1.50
N MET A 153 9.16 4.68 2.40
CA MET A 153 8.03 4.51 3.32
C MET A 153 6.73 4.30 2.56
N ALA A 154 6.58 4.98 1.43
CA ALA A 154 5.37 4.95 0.62
C ALA A 154 5.30 3.74 -0.30
N GLY A 155 6.22 2.79 -0.18
CA GLY A 155 6.08 1.52 -0.86
C GLY A 155 6.92 1.33 -2.11
N ALA A 156 7.77 2.29 -2.45
CA ALA A 156 8.67 2.11 -3.59
C ALA A 156 9.78 1.13 -3.22
N ASP A 157 10.03 0.17 -4.09
CA ASP A 157 11.22 -0.68 -4.00
C ASP A 157 12.43 -0.04 -4.66
N LEU A 158 12.21 0.76 -5.71
CA LEU A 158 13.23 1.58 -6.36
C LEU A 158 12.72 3.00 -6.50
N VAL A 159 13.62 3.97 -6.39
CA VAL A 159 13.24 5.37 -6.60
C VAL A 159 14.40 6.10 -7.26
N GLY A 160 14.08 6.96 -8.23
CA GLY A 160 15.08 7.72 -8.95
C GLY A 160 14.51 9.07 -9.34
N VAL A 161 15.42 10.01 -9.63
CA VAL A 161 15.05 11.38 -10.00
C VAL A 161 15.65 11.72 -11.37
N ALA A 162 14.86 12.40 -12.20
CA ALA A 162 15.36 12.95 -13.45
C ALA A 162 14.78 14.34 -13.66
N ARG A 163 15.50 15.19 -14.38
CA ARG A 163 14.86 16.35 -14.97
C ARG A 163 13.74 15.89 -15.88
N LEU A 164 12.66 16.68 -15.93
CA LEU A 164 11.49 16.29 -16.70
C LEU A 164 11.74 16.57 -18.18
N ASN A 165 11.62 15.52 -19.00
CA ASN A 165 11.72 15.63 -20.46
C ASN A 165 10.30 15.63 -21.02
N ARG A 166 9.89 16.78 -21.58
CA ARG A 166 8.53 16.94 -22.06
C ARG A 166 8.23 16.09 -23.27
N ASN A 167 9.26 15.56 -23.94
CA ASN A 167 9.03 14.66 -25.08
C ASN A 167 8.17 13.46 -24.69
N TRP A 168 8.25 13.02 -23.44
CA TRP A 168 7.53 11.82 -23.00
C TRP A 168 6.23 12.13 -22.28
N VAL A 169 5.89 13.41 -22.12
CA VAL A 169 4.59 13.81 -21.59
C VAL A 169 3.59 13.76 -22.74
N TYR A 170 2.44 13.11 -22.52
CA TYR A 170 1.46 12.97 -23.58
C TYR A 170 1.03 14.34 -24.09
N SER A 171 0.87 14.48 -25.41
CA SER A 171 0.39 15.74 -25.95
C SER A 171 -1.04 16.04 -25.52
N GLU A 172 -1.88 15.01 -25.45
CA GLU A 172 -3.26 15.09 -24.97
C GLU A 172 -3.54 13.87 -24.10
N ALA A 173 -4.27 14.07 -23.01
CA ALA A 173 -4.63 12.97 -22.11
C ALA A 173 -6.00 12.41 -22.45
N VAL A 174 -6.23 11.16 -22.04
CA VAL A 174 -7.57 10.59 -21.96
C VAL A 174 -8.13 10.89 -20.58
N THR A 175 -9.31 11.49 -20.52
CA THR A 175 -9.89 11.86 -19.24
C THR A 175 -11.42 11.85 -19.40
N ILE A 176 -12.12 12.35 -18.37
CA ILE A 176 -13.57 12.53 -18.44
C ILE A 176 -13.89 13.95 -17.99
N PRO A 177 -15.02 14.52 -18.43
CA PRO A 177 -15.43 15.82 -17.92
C PRO A 177 -15.60 15.78 -16.40
N ALA A 178 -15.36 16.93 -15.76
CA ALA A 178 -15.33 16.98 -14.30
C ALA A 178 -16.68 16.69 -13.66
N ASP A 179 -17.78 16.87 -14.38
CA ASP A 179 -19.12 16.66 -13.83
C ASP A 179 -19.66 15.27 -14.11
N VAL A 180 -18.87 14.37 -14.68
CA VAL A 180 -19.31 13.02 -15.01
C VAL A 180 -19.02 12.13 -13.81
N PRO A 181 -20.01 11.42 -13.28
CA PRO A 181 -19.78 10.54 -12.13
C PRO A 181 -19.16 9.22 -12.59
N TYR A 182 -18.67 8.46 -11.60
CA TYR A 182 -17.92 7.26 -11.95
C TYR A 182 -18.72 6.31 -12.83
N GLU A 183 -20.01 6.12 -12.54
CA GLU A 183 -20.72 5.05 -13.23
C GLU A 183 -20.95 5.32 -14.71
N GLN A 184 -20.70 6.54 -15.19
CA GLN A 184 -20.72 6.83 -16.63
C GLN A 184 -19.33 7.06 -17.22
N SER A 185 -18.26 6.94 -16.42
CA SER A 185 -16.93 7.35 -16.88
C SER A 185 -16.50 6.65 -18.16
N LEU A 186 -16.69 5.33 -18.23
CA LEU A 186 -16.19 4.59 -19.40
C LEU A 186 -16.89 5.01 -20.69
N HIS A 187 -18.07 5.63 -20.60
CA HIS A 187 -18.82 6.04 -21.78
C HIS A 187 -18.57 7.48 -22.19
N LYS A 188 -17.93 8.28 -21.34
CA LYS A 188 -17.79 9.70 -21.58
C LYS A 188 -16.33 10.14 -21.61
N GLU A 189 -15.43 9.25 -22.03
CA GLU A 189 -14.02 9.63 -22.11
C GLU A 189 -13.79 10.61 -23.26
N ILE A 190 -12.91 11.58 -23.02
CA ILE A 190 -12.57 12.64 -23.97
C ILE A 190 -11.05 12.78 -24.02
N GLU A 191 -10.58 13.63 -24.93
CA GLU A 191 -9.17 14.00 -24.95
C GLU A 191 -9.02 15.42 -24.45
N LYS A 192 -7.89 15.69 -23.79
CA LYS A 192 -7.66 17.04 -23.30
C LYS A 192 -6.17 17.36 -23.36
N PRO A 193 -5.78 18.50 -23.95
CA PRO A 193 -4.35 18.80 -24.09
C PRO A 193 -3.67 19.01 -22.75
N ILE A 194 -2.42 18.57 -22.66
CA ILE A 194 -1.53 18.89 -21.56
C ILE A 194 -0.54 19.93 -22.06
N VAL A 195 -0.54 21.10 -21.43
CA VAL A 195 0.27 22.23 -21.89
C VAL A 195 1.08 22.76 -20.71
N PHE A 196 2.16 23.45 -21.05
CA PHE A 196 3.05 24.07 -20.07
C PHE A 196 2.96 25.58 -20.20
N LYS A 197 2.71 26.27 -19.09
CA LYS A 197 2.48 27.70 -19.11
C LYS A 197 3.10 28.32 -17.86
N ASP A 198 3.27 29.65 -17.91
CA ASP A 198 3.82 30.39 -16.77
C ASP A 198 2.69 30.70 -15.79
N VAL A 199 2.37 29.68 -14.98
CA VAL A 199 1.41 29.80 -13.87
C VAL A 199 2.10 29.30 -12.61
N PRO A 200 1.57 29.64 -11.43
CA PRO A 200 2.24 29.22 -10.19
C PRO A 200 1.97 27.78 -9.78
N LEU A 201 0.80 27.25 -10.11
CA LEU A 201 0.40 25.92 -9.63
C LEU A 201 -0.22 25.11 -10.75
N PRO A 202 -0.10 23.78 -10.70
CA PRO A 202 -0.86 22.93 -11.63
C PRO A 202 -2.33 23.25 -11.56
N ILE A 203 -2.97 23.38 -12.72
CA ILE A 203 -4.37 23.81 -12.74
C ILE A 203 -5.04 23.20 -13.97
N GLU A 204 -6.34 22.95 -13.86
CA GLU A 204 -7.12 22.47 -14.99
C GLU A 204 -8.22 23.48 -15.33
N THR A 205 -8.30 23.87 -16.59
CA THR A 205 -9.40 24.68 -17.08
C THR A 205 -10.35 23.79 -17.87
N ASP A 206 -11.42 24.38 -18.40
CA ASP A 206 -12.32 23.60 -19.23
C ASP A 206 -11.62 23.08 -20.48
N ASP A 207 -10.55 23.75 -20.92
CA ASP A 207 -9.92 23.43 -22.20
C ASP A 207 -8.58 22.70 -22.08
N GLU A 208 -7.85 22.88 -20.97
CA GLU A 208 -6.46 22.44 -20.91
C GLU A 208 -6.11 21.92 -19.51
N LEU A 209 -5.20 20.95 -19.47
CA LEU A 209 -4.48 20.61 -18.24
C LEU A 209 -3.16 21.36 -18.29
N ILE A 210 -2.90 22.19 -17.29
CA ILE A 210 -1.80 23.15 -17.34
C ILE A 210 -0.76 22.74 -16.30
N ILE A 211 0.43 22.39 -16.77
CA ILE A 211 1.58 22.10 -15.92
C ILE A 211 2.45 23.35 -15.89
N PRO A 212 2.86 23.85 -14.72
CA PRO A 212 3.67 25.06 -14.69
C PRO A 212 5.05 24.85 -15.32
N ASN A 213 5.56 25.92 -15.93
CA ASN A 213 6.93 25.89 -16.47
C ASN A 213 7.97 25.65 -15.39
N THR A 214 7.63 25.85 -14.12
CA THR A 214 8.56 25.56 -13.03
C THR A 214 8.60 24.08 -12.66
N CYS A 215 7.86 23.22 -13.36
CA CYS A 215 7.79 21.81 -12.98
C CYS A 215 9.02 21.11 -13.54
N GLU A 216 10.11 21.21 -12.79
CA GLU A 216 11.44 20.87 -13.29
C GLU A 216 11.73 19.37 -13.29
N ASN A 217 11.16 18.62 -12.35
CA ASN A 217 11.68 17.29 -12.01
C ASN A 217 10.58 16.24 -12.05
N VAL A 218 11.00 14.99 -12.22
CA VAL A 218 10.12 13.82 -12.14
C VAL A 218 10.77 12.79 -11.22
N ILE A 219 9.98 12.23 -10.31
CA ILE A 219 10.41 11.19 -9.38
C ILE A 219 9.77 9.89 -9.85
N VAL A 220 10.58 8.86 -10.11
CA VAL A 220 10.10 7.60 -10.64
C VAL A 220 10.27 6.52 -9.59
N ALA A 221 9.23 5.73 -9.38
CA ALA A 221 9.22 4.63 -8.43
C ALA A 221 9.07 3.30 -9.13
N GLY A 222 9.83 2.29 -8.69
CA GLY A 222 9.59 0.92 -9.09
C GLY A 222 8.89 0.17 -7.97
N ILE A 223 7.88 -0.61 -8.33
CA ILE A 223 7.01 -1.35 -7.40
C ILE A 223 7.14 -2.84 -7.76
N ALA A 224 7.84 -3.62 -6.94
CA ALA A 224 8.23 -4.98 -7.36
C ALA A 224 7.04 -5.93 -7.38
N MET A 225 6.91 -6.69 -8.47
CA MET A 225 5.93 -7.76 -8.56
C MET A 225 6.53 -9.05 -7.99
N ASN A 226 5.68 -10.06 -7.83
CA ASN A 226 6.11 -11.29 -7.21
C ASN A 226 6.57 -12.28 -8.28
N ARG A 227 7.74 -12.88 -8.08
CA ARG A 227 8.35 -13.71 -9.13
C ARG A 227 7.58 -15.02 -9.34
N GLU A 228 7.24 -15.71 -8.25
CA GLU A 228 6.52 -16.98 -8.39
C GLU A 228 5.17 -16.79 -9.10
N MET A 229 4.47 -15.69 -8.80
CA MET A 229 3.18 -15.45 -9.44
C MET A 229 3.35 -15.04 -10.91
N MET A 230 4.32 -14.18 -11.22
CA MET A 230 4.50 -13.78 -12.61
C MET A 230 4.96 -14.96 -13.48
N GLN A 231 5.69 -15.90 -12.91
CA GLN A 231 6.10 -17.06 -13.70
C GLN A 231 4.92 -17.94 -14.09
N THR A 232 3.71 -17.70 -13.56
CA THR A 232 2.55 -18.44 -14.06
C THR A 232 1.93 -17.80 -15.29
N ALA A 233 2.51 -16.72 -15.80
CA ALA A 233 1.98 -16.06 -16.98
C ALA A 233 1.85 -17.09 -18.11
N PRO A 234 0.77 -17.02 -18.89
CA PRO A 234 -0.30 -16.01 -18.93
C PRO A 234 -1.52 -16.29 -18.03
N ASN A 235 -1.34 -17.09 -16.98
CA ASN A 235 -2.46 -17.58 -16.19
C ASN A 235 -2.84 -16.59 -15.09
N SER A 236 -3.78 -16.96 -14.22
CA SER A 236 -4.46 -15.96 -13.40
C SER A 236 -3.55 -15.36 -12.31
N MET A 237 -2.61 -16.13 -11.77
CA MET A 237 -1.84 -15.59 -10.65
C MET A 237 -0.88 -14.48 -11.10
N ALA A 238 -0.47 -14.50 -12.37
CA ALA A 238 0.28 -13.39 -12.92
C ALA A 238 -0.59 -12.14 -13.00
N CYS A 239 -1.88 -12.32 -13.30
CA CYS A 239 -2.82 -11.20 -13.27
C CYS A 239 -2.93 -10.62 -11.87
N ALA A 240 -2.86 -11.48 -10.85
CA ALA A 240 -3.07 -11.00 -9.49
C ALA A 240 -1.87 -10.18 -9.00
N THR A 241 -0.63 -10.59 -9.28
CA THR A 241 0.48 -9.74 -8.82
C THR A 241 0.49 -8.41 -9.58
N THR A 242 0.14 -8.44 -10.87
CA THR A 242 -0.06 -7.19 -11.61
C THR A 242 -1.06 -6.28 -10.90
N ALA A 243 -2.22 -6.84 -10.56
CA ALA A 243 -3.33 -6.03 -10.05
C ALA A 243 -2.98 -5.40 -8.71
N PHE A 244 -2.45 -6.20 -7.77
CA PHE A 244 -2.08 -5.65 -6.46
C PHE A 244 -1.08 -4.52 -6.61
N CYS A 245 -0.14 -4.63 -7.56
CA CYS A 245 0.86 -3.59 -7.70
C CYS A 245 0.28 -2.28 -8.23
N TYR A 246 -0.83 -2.34 -8.99
CA TYR A 246 -1.49 -1.09 -9.38
C TYR A 246 -2.06 -0.35 -8.18
N SER A 247 -2.61 -1.09 -7.22
CA SER A 247 -3.11 -0.40 -6.04
C SER A 247 -1.96 0.14 -5.20
N ARG A 248 -0.82 -0.58 -5.19
CA ARG A 248 0.36 -0.06 -4.52
C ARG A 248 0.87 1.20 -5.18
N MET A 249 0.83 1.25 -6.52
CA MET A 249 1.20 2.46 -7.26
C MET A 249 0.35 3.65 -6.82
N CYS A 250 -0.96 3.44 -6.74
CA CYS A 250 -1.86 4.54 -6.39
C CYS A 250 -1.55 5.07 -4.99
N MET A 251 -1.34 4.18 -4.02
N MET A 251 -1.38 4.17 -4.03
CA MET A 251 -1.04 4.65 -2.68
CA MET A 251 -1.01 4.59 -2.67
C MET A 251 0.31 5.35 -2.64
C MET A 251 0.29 5.37 -2.68
N PHE A 252 1.27 4.90 -3.46
CA PHE A 252 2.55 5.60 -3.53
C PHE A 252 2.37 7.05 -3.98
N ASP A 253 1.66 7.24 -5.08
CA ASP A 253 1.49 8.59 -5.64
C ASP A 253 0.84 9.52 -4.61
N MET A 254 -0.21 9.05 -3.94
CA MET A 254 -0.94 9.91 -3.01
C MET A 254 -0.08 10.25 -1.80
N TRP A 255 0.53 9.23 -1.19
CA TRP A 255 1.47 9.44 -0.09
C TRP A 255 2.57 10.45 -0.46
N LEU A 256 3.25 10.24 -1.59
CA LEU A 256 4.38 11.09 -1.90
C LEU A 256 3.94 12.50 -2.26
N CYS A 257 2.87 12.64 -3.04
CA CYS A 257 2.38 13.99 -3.36
C CYS A 257 2.05 14.77 -2.10
N GLN A 258 1.41 14.10 -1.13
CA GLN A 258 1.11 14.78 0.13
C GLN A 258 2.38 15.17 0.87
N PHE A 259 3.39 14.29 0.91
CA PHE A 259 4.65 14.68 1.54
C PHE A 259 5.24 15.93 0.87
N ILE A 260 5.32 15.92 -0.47
CA ILE A 260 5.89 17.04 -1.20
C ILE A 260 5.11 18.33 -0.95
N ARG A 261 3.77 18.23 -0.95
CA ARG A 261 2.95 19.41 -0.69
C ARG A 261 3.15 19.93 0.72
N TYR A 262 3.28 19.02 1.68
CA TYR A 262 3.48 19.45 3.06
C TYR A 262 4.90 19.93 3.32
N MET A 263 5.79 19.77 2.35
CA MET A 263 7.11 20.40 2.37
C MET A 263 7.11 21.78 1.70
N GLY A 264 5.98 22.22 1.17
CA GLY A 264 5.87 23.55 0.59
C GLY A 264 6.02 23.61 -0.91
N TYR A 265 5.93 22.48 -1.60
CA TYR A 265 6.02 22.43 -3.06
C TYR A 265 4.74 21.83 -3.61
N TYR A 266 4.61 21.79 -4.93
CA TYR A 266 3.45 21.14 -5.53
C TYR A 266 3.87 19.80 -6.11
N ALA A 267 2.87 18.96 -6.40
CA ALA A 267 3.15 17.62 -6.89
C ALA A 267 1.97 17.11 -7.70
N ILE A 268 2.28 16.49 -8.83
CA ILE A 268 1.30 15.92 -9.75
C ILE A 268 1.46 14.40 -9.73
N PRO A 269 0.44 13.64 -9.38
CA PRO A 269 0.50 12.17 -9.50
C PRO A 269 0.22 11.75 -10.94
N SER A 270 0.43 10.45 -11.23
CA SER A 270 0.09 10.00 -12.58
C SER A 270 -0.32 8.54 -12.73
N CYS A 271 0.29 7.62 -11.98
CA CYS A 271 0.20 6.18 -12.26
C CYS A 271 0.39 5.90 -13.76
N ASN A 272 -0.60 5.32 -14.47
CA ASN A 272 -0.36 5.07 -15.89
C ASN A 272 -0.66 6.26 -16.78
N GLY A 273 -1.02 7.42 -16.23
CA GLY A 273 -1.35 8.58 -17.03
C GLY A 273 -0.19 9.55 -17.23
N VAL A 274 -0.51 10.68 -17.85
CA VAL A 274 0.32 11.88 -18.00
C VAL A 274 1.50 11.70 -18.96
N GLY A 275 2.27 10.63 -18.81
CA GLY A 275 3.39 10.43 -19.71
C GLY A 275 3.91 9.01 -19.69
N GLN A 276 5.00 8.78 -20.44
CA GLN A 276 5.47 7.42 -20.73
C GLN A 276 6.46 6.98 -19.67
N SER A 277 6.03 6.05 -18.81
CA SER A 277 6.77 5.68 -17.62
C SER A 277 8.14 5.08 -17.94
N VAL A 278 8.22 4.25 -18.99
CA VAL A 278 9.47 3.58 -19.30
C VAL A 278 10.56 4.60 -19.61
N ALA A 279 10.22 5.64 -20.37
CA ALA A 279 11.24 6.62 -20.73
C ALA A 279 11.69 7.44 -19.52
N PHE A 280 10.75 7.85 -18.66
CA PHE A 280 11.14 8.50 -17.41
C PHE A 280 12.03 7.58 -16.58
N ALA A 281 11.68 6.30 -16.49
CA ALA A 281 12.47 5.39 -15.67
C ALA A 281 13.89 5.25 -16.18
N VAL A 282 14.06 5.19 -17.50
CA VAL A 282 15.39 5.13 -18.10
C VAL A 282 16.18 6.39 -17.78
N GLU A 283 15.54 7.56 -17.90
CA GLU A 283 16.25 8.81 -17.69
C GLU A 283 16.59 9.02 -16.21
N ALA A 284 15.81 8.43 -15.31
CA ALA A 284 16.07 8.51 -13.88
C ALA A 284 17.00 7.40 -13.38
N GLY A 285 17.50 6.55 -14.28
CA GLY A 285 18.48 5.55 -13.91
C GLY A 285 17.96 4.30 -13.24
N LEU A 286 16.65 4.04 -13.28
CA LEU A 286 16.15 2.79 -12.72
C LEU A 286 16.63 1.59 -13.53
N GLY A 287 16.77 1.75 -14.83
CA GLY A 287 17.21 0.65 -15.66
C GLY A 287 17.35 1.05 -17.11
N GLN A 288 17.33 0.05 -17.98
CA GLN A 288 17.49 0.26 -19.42
C GLN A 288 16.28 -0.26 -20.18
N ALA A 289 16.01 0.38 -21.32
CA ALA A 289 15.00 -0.13 -22.23
C ALA A 289 15.45 -1.46 -22.84
N SER A 290 14.48 -2.26 -23.29
CA SER A 290 14.71 -3.64 -23.66
C SER A 290 14.01 -3.96 -24.97
N ARG A 291 14.26 -5.16 -25.48
CA ARG A 291 13.58 -5.60 -26.69
C ARG A 291 12.06 -5.67 -26.48
N MET A 292 11.62 -6.20 -25.34
CA MET A 292 10.17 -6.26 -25.10
C MET A 292 9.56 -4.87 -24.97
N GLY A 293 10.34 -3.86 -24.55
CA GLY A 293 9.89 -2.48 -24.46
C GLY A 293 9.81 -1.97 -23.04
N ALA A 294 9.92 -2.85 -22.06
CA ALA A 294 9.89 -2.50 -20.66
C ALA A 294 11.26 -2.02 -20.19
N CYS A 295 11.27 -1.34 -19.05
CA CYS A 295 12.51 -0.98 -18.37
C CYS A 295 13.00 -2.17 -17.57
N ILE A 296 14.21 -2.65 -17.87
CA ILE A 296 14.82 -3.77 -17.16
C ILE A 296 15.76 -3.20 -16.09
N THR A 297 15.52 -3.59 -14.84
CA THR A 297 16.26 -3.14 -13.69
C THR A 297 17.21 -4.22 -13.19
N PRO A 298 18.32 -3.84 -12.58
CA PRO A 298 19.25 -4.85 -12.04
C PRO A 298 18.62 -5.72 -10.97
N GLU A 299 17.73 -5.17 -10.14
CA GLU A 299 17.17 -5.91 -9.00
C GLU A 299 16.05 -6.86 -9.41
N PHE A 300 15.17 -6.44 -10.32
CA PHE A 300 13.96 -7.17 -10.63
C PHE A 300 13.83 -7.54 -12.10
N GLY A 301 14.79 -7.15 -12.94
CA GLY A 301 14.61 -7.26 -14.37
C GLY A 301 13.42 -6.41 -14.75
N PRO A 302 12.61 -6.88 -15.69
CA PRO A 302 11.38 -6.17 -16.04
C PRO A 302 10.21 -6.45 -15.12
N ASN A 303 10.38 -7.31 -14.11
CA ASN A 303 9.27 -7.74 -13.25
C ASN A 303 9.02 -6.73 -12.14
N VAL A 304 8.69 -5.51 -12.56
CA VAL A 304 8.54 -4.39 -11.64
C VAL A 304 7.61 -3.37 -12.31
N ARG A 305 6.69 -2.81 -11.55
CA ARG A 305 5.82 -1.78 -12.11
C ARG A 305 6.42 -0.41 -11.83
N LEU A 306 5.94 0.59 -12.58
CA LEU A 306 6.44 1.95 -12.51
C LEU A 306 5.31 2.92 -12.26
N THR A 307 5.58 3.96 -11.47
CA THR A 307 4.71 5.14 -11.43
C THR A 307 5.63 6.34 -11.23
N LYS A 308 5.07 7.56 -11.26
CA LYS A 308 5.93 8.74 -11.22
C LYS A 308 5.13 9.97 -10.76
N VAL A 309 5.84 10.89 -10.11
CA VAL A 309 5.29 12.13 -9.57
C VAL A 309 6.12 13.30 -10.11
N PHE A 310 5.45 14.35 -10.59
CA PHE A 310 6.12 15.53 -11.15
C PHE A 310 6.10 16.69 -10.14
N THR A 311 7.23 17.40 -10.00
CA THR A 311 7.29 18.41 -8.95
C THR A 311 8.27 19.52 -9.28
N ASN A 312 8.05 20.69 -8.68
CA ASN A 312 9.01 21.79 -8.72
C ASN A 312 10.03 21.73 -7.57
N MET A 313 9.89 20.77 -6.66
CA MET A 313 10.85 20.61 -5.57
C MET A 313 12.27 20.48 -6.13
N PRO A 314 13.22 21.30 -5.66
CA PRO A 314 14.62 21.15 -6.13
C PRO A 314 15.16 19.78 -5.73
N LEU A 315 15.79 19.12 -6.69
CA LEU A 315 16.31 17.77 -6.50
C LEU A 315 17.60 17.59 -7.30
N VAL A 316 18.34 16.55 -6.94
CA VAL A 316 19.55 16.15 -7.66
C VAL A 316 19.21 14.99 -8.58
N PRO A 317 19.30 15.15 -9.92
CA PRO A 317 18.98 14.03 -10.81
C PRO A 317 19.96 12.89 -10.62
N ASP A 318 19.47 11.67 -10.81
CA ASP A 318 20.35 10.51 -10.75
C ASP A 318 21.01 10.29 -12.10
N LYS A 319 22.10 9.52 -12.08
CA LYS A 319 22.78 9.18 -13.33
C LYS A 319 22.06 8.00 -14.01
N PRO A 320 22.01 7.98 -15.34
CA PRO A 320 21.54 6.77 -16.02
C PRO A 320 22.48 5.61 -15.77
N ILE A 321 22.00 4.41 -16.07
CA ILE A 321 22.77 3.18 -15.84
C ILE A 321 22.86 2.40 -17.15
N ASP A 322 24.04 1.82 -17.41
CA ASP A 322 24.22 0.96 -18.57
C ASP A 322 24.89 -0.31 -18.07
N PHE A 323 24.11 -1.37 -17.89
CA PHE A 323 24.66 -2.64 -17.44
C PHE A 323 24.59 -3.70 -18.54
N GLY A 324 24.54 -3.27 -19.79
CA GLY A 324 24.65 -4.16 -20.92
C GLY A 324 23.35 -4.72 -21.45
N VAL A 325 22.19 -4.17 -21.07
CA VAL A 325 20.91 -4.74 -21.51
C VAL A 325 20.79 -4.73 -23.03
N THR A 326 21.11 -3.59 -23.65
CA THR A 326 20.97 -3.46 -25.10
C THR A 326 21.72 -4.58 -25.81
N GLU A 327 22.93 -4.89 -25.34
CA GLU A 327 23.74 -5.90 -26.02
C GLU A 327 23.19 -7.31 -25.76
N PHE A 328 22.65 -7.55 -24.56
CA PHE A 328 21.98 -8.83 -24.32
C PHE A 328 20.73 -8.96 -25.18
N CYS A 329 19.89 -7.92 -25.23
CA CYS A 329 18.68 -8.02 -26.03
C CYS A 329 18.99 -8.19 -27.51
N GLU A 330 20.13 -7.69 -27.97
N GLU A 330 20.15 -7.71 -27.96
CA GLU A 330 20.48 -7.84 -29.38
CA GLU A 330 20.52 -7.81 -29.37
C GLU A 330 20.62 -9.30 -29.77
C GLU A 330 20.70 -9.26 -29.79
N THR A 331 21.14 -10.13 -28.87
CA THR A 331 21.36 -11.54 -29.18
C THR A 331 20.36 -12.49 -28.54
N CYS A 332 19.52 -12.03 -27.61
CA CYS A 332 18.70 -12.97 -26.82
C CYS A 332 17.43 -13.41 -27.55
N LYS A 333 16.48 -12.49 -27.71
CA LYS A 333 15.22 -12.74 -28.42
C LYS A 333 14.31 -13.78 -27.76
N LYS A 334 14.50 -14.10 -26.47
CA LYS A 334 13.63 -15.10 -25.85
C LYS A 334 12.18 -14.64 -25.79
N CYS A 335 11.97 -13.37 -25.45
CA CYS A 335 10.61 -12.82 -25.38
C CYS A 335 9.94 -12.85 -26.76
N ALA A 336 10.68 -12.49 -27.81
CA ALA A 336 10.12 -12.50 -29.16
C ALA A 336 9.69 -13.90 -29.56
N ARG A 337 10.48 -14.92 -29.20
CA ARG A 337 10.17 -16.27 -29.64
C ARG A 337 9.05 -16.89 -28.81
N GLU A 338 8.90 -16.48 -27.55
CA GLU A 338 7.85 -17.05 -26.71
C GLU A 338 6.54 -16.28 -26.79
N CYS A 339 6.56 -15.05 -27.27
CA CYS A 339 5.37 -14.22 -27.30
C CYS A 339 4.22 -14.95 -28.00
N PRO A 340 3.08 -15.15 -27.33
CA PRO A 340 2.01 -15.94 -27.97
C PRO A 340 1.32 -15.22 -29.12
N SER A 341 1.57 -13.93 -29.31
CA SER A 341 0.97 -13.18 -30.41
C SER A 341 2.00 -12.70 -31.42
N LYS A 342 3.28 -13.03 -31.23
CA LYS A 342 4.36 -12.56 -32.10
C LYS A 342 4.37 -11.04 -32.20
N ALA A 343 4.09 -10.35 -31.08
CA ALA A 343 4.07 -8.90 -31.09
C ALA A 343 5.46 -8.29 -31.06
N ILE A 344 6.44 -9.01 -30.51
CA ILE A 344 7.77 -8.48 -30.28
C ILE A 344 8.65 -8.76 -31.49
N THR A 345 9.25 -7.71 -32.03
CA THR A 345 10.10 -7.87 -33.20
C THR A 345 11.37 -8.65 -32.85
N GLU A 346 11.88 -9.38 -33.85
CA GLU A 346 13.19 -9.99 -33.76
C GLU A 346 14.26 -9.19 -34.50
N GLY A 347 13.92 -8.02 -35.03
CA GLY A 347 14.84 -7.26 -35.84
C GLY A 347 15.57 -6.21 -35.03
N PRO A 348 16.26 -5.30 -35.72
CA PRO A 348 17.03 -4.26 -35.03
C PRO A 348 16.14 -3.11 -34.58
N ARG A 349 16.71 -2.24 -33.76
CA ARG A 349 16.04 -1.01 -33.39
C ARG A 349 15.99 -0.05 -34.58
N THR A 350 14.92 0.74 -34.67
CA THR A 350 14.79 1.78 -35.68
C THR A 350 14.15 3.01 -35.04
N PHE A 351 14.07 4.09 -35.82
CA PHE A 351 13.35 5.28 -35.40
C PHE A 351 11.93 5.33 -35.92
N GLU A 352 11.49 4.30 -36.64
CA GLU A 352 10.23 4.33 -37.38
C GLU A 352 9.21 3.47 -36.65
N GLY A 353 8.12 4.10 -36.22
CA GLY A 353 7.08 3.35 -35.52
C GLY A 353 6.49 2.25 -36.40
N ARG A 354 6.10 1.15 -35.75
CA ARG A 354 5.49 0.05 -36.47
C ARG A 354 4.05 0.37 -36.86
N SER A 355 3.35 1.13 -36.04
CA SER A 355 1.96 1.48 -36.24
C SER A 355 1.66 2.69 -35.36
N ILE A 356 0.39 3.08 -35.35
CA ILE A 356 -0.06 4.25 -34.60
C ILE A 356 0.27 4.15 -33.11
N HIS A 357 0.41 2.94 -32.57
CA HIS A 357 0.64 2.82 -31.12
C HIS A 357 2.07 3.19 -30.72
N ASN A 358 3.01 3.22 -31.64
CA ASN A 358 4.40 3.57 -31.32
C ASN A 358 4.65 5.05 -31.55
N GLN A 359 5.49 5.63 -30.71
CA GLN A 359 5.93 7.01 -30.89
C GLN A 359 7.18 7.00 -31.75
N SER A 360 7.06 7.51 -32.99
CA SER A 360 8.21 7.56 -33.88
C SER A 360 9.18 8.67 -33.47
N GLY A 361 10.42 8.54 -33.96
CA GLY A 361 11.46 9.51 -33.69
C GLY A 361 12.37 9.18 -32.53
N LYS A 362 12.28 7.99 -31.94
CA LYS A 362 13.17 7.59 -30.86
C LYS A 362 13.64 6.16 -31.13
N LEU A 363 14.92 5.92 -30.89
CA LEU A 363 15.53 4.65 -31.24
C LEU A 363 15.11 3.59 -30.22
N GLN A 364 14.38 2.58 -30.68
CA GLN A 364 13.85 1.54 -29.81
C GLN A 364 13.51 0.34 -30.68
N TRP A 365 13.30 -0.80 -30.02
CA TRP A 365 12.70 -1.93 -30.71
C TRP A 365 11.22 -1.68 -30.88
N GLN A 366 10.74 -1.77 -32.11
CA GLN A 366 9.39 -1.37 -32.47
C GLN A 366 8.48 -2.60 -32.47
N ASN A 367 7.55 -2.64 -31.53
CA ASN A 367 6.69 -3.80 -31.36
C ASN A 367 5.25 -3.49 -31.78
N ASP A 368 4.53 -4.53 -32.22
CA ASP A 368 3.13 -4.40 -32.65
C ASP A 368 2.24 -4.62 -31.44
N TYR A 369 1.81 -3.52 -30.82
CA TYR A 369 1.07 -3.63 -29.58
C TYR A 369 -0.42 -3.90 -29.77
N ASN A 370 -0.92 -3.84 -31.01
CA ASN A 370 -2.26 -4.37 -31.25
C ASN A 370 -2.28 -5.89 -31.20
N LYS A 371 -1.22 -6.53 -31.71
CA LYS A 371 -1.12 -7.99 -31.59
C LYS A 371 -1.04 -8.43 -30.13
N CYS A 372 -0.23 -7.75 -29.32
CA CYS A 372 -0.19 -8.04 -27.89
C CYS A 372 -1.60 -8.01 -27.27
N LEU A 373 -2.27 -6.85 -27.38
CA LEU A 373 -3.57 -6.69 -26.75
C LEU A 373 -4.56 -7.73 -27.25
N GLY A 374 -4.45 -8.13 -28.51
CA GLY A 374 -5.34 -9.16 -29.03
C GLY A 374 -5.26 -10.47 -28.28
N TYR A 375 -4.11 -10.77 -27.69
CA TYR A 375 -3.97 -12.02 -26.94
C TYR A 375 -4.63 -11.95 -25.56
N TRP A 376 -4.95 -10.75 -25.06
CA TRP A 376 -5.51 -10.68 -23.71
C TRP A 376 -6.92 -11.25 -23.64
N PRO A 377 -7.87 -10.90 -24.53
CA PRO A 377 -9.18 -11.57 -24.50
C PRO A 377 -9.09 -13.06 -24.77
N GLU A 378 -8.15 -13.47 -25.63
CA GLU A 378 -7.97 -14.88 -25.91
C GLU A 378 -7.57 -15.66 -24.67
N SER A 379 -6.71 -15.07 -23.84
CA SER A 379 -6.17 -15.78 -22.68
C SER A 379 -6.89 -15.41 -21.39
N GLY A 380 -7.75 -14.40 -21.41
CA GLY A 380 -8.46 -14.03 -20.20
C GLY A 380 -7.62 -13.35 -19.15
N GLY A 381 -6.53 -12.70 -19.55
CA GLY A 381 -5.64 -12.09 -18.57
C GLY A 381 -4.84 -10.92 -19.11
N TYR A 382 -3.69 -10.65 -18.50
CA TYR A 382 -2.78 -9.59 -18.91
C TYR A 382 -1.45 -10.17 -19.40
N CYS A 383 -1.47 -11.43 -19.82
CA CYS A 383 -0.31 -12.18 -20.30
C CYS A 383 0.90 -11.98 -19.37
N GLY A 384 1.93 -11.29 -19.84
CA GLY A 384 3.18 -11.19 -19.14
C GLY A 384 4.17 -12.30 -19.42
N VAL A 385 3.94 -13.12 -20.46
CA VAL A 385 4.90 -14.18 -20.80
C VAL A 385 6.29 -13.60 -21.10
N CYS A 386 6.34 -12.46 -21.78
CA CYS A 386 7.63 -11.81 -22.04
C CYS A 386 8.40 -11.51 -20.76
N VAL A 387 7.74 -10.96 -19.74
CA VAL A 387 8.36 -10.70 -18.44
C VAL A 387 8.79 -12.01 -17.78
N ALA A 388 7.91 -13.01 -17.81
CA ALA A 388 8.22 -14.29 -17.17
C ALA A 388 9.46 -14.96 -17.77
N VAL A 389 9.63 -14.92 -19.10
CA VAL A 389 10.72 -15.66 -19.72
C VAL A 389 12.01 -14.85 -19.82
N CYS A 390 11.99 -13.57 -19.54
CA CYS A 390 13.21 -12.75 -19.66
C CYS A 390 14.24 -13.20 -18.63
N PRO A 391 15.46 -13.54 -19.04
CA PRO A 391 16.45 -13.97 -18.05
C PRO A 391 16.67 -12.97 -16.92
N PHE A 392 16.49 -11.66 -17.16
CA PHE A 392 16.68 -10.69 -16.09
C PHE A 392 15.62 -10.79 -15.00
N THR A 393 14.50 -11.47 -15.24
CA THR A 393 13.51 -11.68 -14.20
C THR A 393 13.94 -12.75 -13.20
N LYS A 394 14.94 -13.57 -13.53
CA LYS A 394 15.50 -14.51 -12.56
C LYS A 394 16.16 -13.77 -11.39
N GLY A 395 16.00 -14.31 -10.18
CA GLY A 395 16.51 -13.64 -8.99
C GLY A 395 18.01 -13.65 -8.82
N ASN A 396 18.73 -14.53 -9.52
CA ASN A 396 20.15 -14.77 -9.24
C ASN A 396 21.00 -14.62 -10.50
N ILE A 397 20.76 -13.57 -11.30
CA ILE A 397 21.51 -13.44 -12.55
C ILE A 397 22.91 -12.88 -12.34
N TRP A 398 23.18 -12.29 -11.18
CA TRP A 398 24.41 -11.52 -10.93
C TRP A 398 25.47 -12.38 -10.26
N ILE A 399 26.70 -12.26 -10.73
CA ILE A 399 27.82 -12.94 -10.10
C ILE A 399 28.97 -11.94 -9.98
N HIS A 400 29.82 -12.17 -8.98
CA HIS A 400 30.99 -11.35 -8.73
C HIS A 400 32.24 -12.20 -8.98
N ASP A 401 33.18 -11.67 -9.77
CA ASP A 401 34.32 -12.47 -10.17
C ASP A 401 35.57 -12.21 -9.33
N GLY A 402 35.42 -11.56 -8.17
CA GLY A 402 36.54 -11.17 -7.35
C GLY A 402 36.99 -9.73 -7.57
N VAL A 403 36.69 -9.18 -8.74
CA VAL A 403 37.01 -7.80 -9.08
C VAL A 403 35.73 -6.97 -9.24
N GLU A 404 34.75 -7.50 -9.97
CA GLU A 404 33.56 -6.71 -10.27
C GLU A 404 32.37 -7.64 -10.51
N TRP A 405 31.20 -7.02 -10.68
CA TRP A 405 29.95 -7.72 -10.95
C TRP A 405 29.75 -7.95 -12.44
N LEU A 406 29.10 -9.07 -12.76
CA LEU A 406 28.80 -9.37 -14.15
C LEU A 406 27.53 -10.22 -14.24
N ILE A 407 26.97 -10.27 -15.44
N ILE A 407 26.94 -10.23 -15.43
CA ILE A 407 25.76 -11.05 -15.71
CA ILE A 407 25.77 -11.05 -15.73
C ILE A 407 26.17 -12.46 -16.12
C ILE A 407 26.20 -12.46 -16.09
N ASP A 408 25.49 -13.45 -15.55
CA ASP A 408 25.75 -14.86 -15.86
C ASP A 408 25.13 -15.21 -17.23
N ASN A 409 25.99 -15.36 -18.26
CA ASN A 409 25.52 -15.68 -19.61
C ASN A 409 24.79 -17.01 -19.71
N THR A 410 24.99 -17.92 -18.75
CA THR A 410 24.34 -19.23 -18.85
C THR A 410 22.83 -19.11 -18.83
N ARG A 411 22.31 -18.07 -18.16
CA ARG A 411 20.87 -17.82 -18.09
C ARG A 411 20.27 -17.50 -19.43
N PHE A 412 21.09 -17.20 -20.44
CA PHE A 412 20.59 -16.80 -21.74
C PHE A 412 20.63 -17.91 -22.77
N LEU A 413 21.09 -19.10 -22.39
CA LEU A 413 21.17 -20.24 -23.30
C LEU A 413 19.77 -20.70 -23.72
N ASN A 431 3.29 -25.08 -10.95
CA ASN A 431 1.88 -24.91 -11.24
C ASN A 431 1.19 -24.07 -10.16
N ILE A 432 -0.06 -23.68 -10.45
CA ILE A 432 -0.70 -22.66 -9.64
C ILE A 432 -1.05 -23.18 -8.25
N THR A 433 -1.38 -24.48 -8.13
CA THR A 433 -1.62 -25.04 -6.81
C THR A 433 -0.40 -24.89 -5.91
N GLU A 434 0.80 -25.19 -6.45
CA GLU A 434 2.03 -25.05 -5.69
C GLU A 434 2.32 -23.59 -5.31
N VAL A 435 1.83 -22.64 -6.10
CA VAL A 435 1.99 -21.24 -5.74
C VAL A 435 1.12 -20.89 -4.54
N TRP A 436 -0.15 -21.30 -4.58
CA TRP A 436 -1.05 -21.06 -3.45
C TRP A 436 -0.53 -21.73 -2.18
N ASP A 437 0.14 -22.86 -2.32
CA ASP A 437 0.65 -23.63 -1.20
C ASP A 437 2.10 -23.29 -0.83
N GLY A 438 2.73 -22.36 -1.56
CA GLY A 438 4.15 -22.13 -1.45
C GLY A 438 4.52 -20.84 -0.75
N LYS A 439 5.74 -20.37 -1.03
CA LYS A 439 6.32 -19.24 -0.31
C LYS A 439 5.57 -17.93 -0.59
N ILE A 440 5.31 -17.15 0.47
CA ILE A 440 4.78 -15.81 0.33
C ILE A 440 5.22 -15.01 1.56
N ASN A 441 5.18 -13.69 1.42
CA ASN A 441 5.60 -12.76 2.46
C ASN A 441 4.89 -11.45 2.20
N THR A 442 5.10 -10.46 3.07
CA THR A 442 4.34 -9.21 3.01
C THR A 442 4.45 -8.54 1.64
N TYR A 443 3.30 -8.20 1.06
CA TYR A 443 3.20 -7.52 -0.24
C TYR A 443 3.77 -8.35 -1.38
N GLY A 444 3.96 -9.65 -1.17
CA GLY A 444 4.58 -10.50 -2.17
C GLY A 444 6.08 -10.31 -2.30
N LEU A 445 6.70 -9.51 -1.43
CA LEU A 445 8.14 -9.37 -1.46
C LEU A 445 8.82 -10.67 -1.00
N ASP A 446 10.09 -10.82 -1.38
CA ASP A 446 10.84 -12.05 -1.15
C ASP A 446 12.02 -11.74 -0.24
N ALA A 447 12.02 -12.33 0.97
CA ALA A 447 13.10 -12.08 1.92
C ALA A 447 14.46 -12.62 1.46
N ASP A 448 14.48 -13.52 0.48
CA ASP A 448 15.75 -13.96 -0.09
C ASP A 448 16.42 -12.87 -0.92
N HIS A 449 15.68 -11.80 -1.27
CA HIS A 449 16.17 -10.75 -2.14
C HIS A 449 15.92 -9.35 -1.59
N PHE A 450 15.17 -9.24 -0.48
CA PHE A 450 14.78 -7.94 0.03
C PHE A 450 15.98 -7.12 0.48
N ARG A 451 17.12 -7.76 0.79
CA ARG A 451 18.32 -6.96 1.04
C ARG A 451 18.76 -6.17 -0.17
N ASP A 452 18.40 -6.61 -1.37
CA ASP A 452 18.79 -5.88 -2.57
C ASP A 452 18.36 -4.41 -2.54
N THR A 453 17.28 -4.08 -1.83
CA THR A 453 16.76 -2.72 -1.89
C THR A 453 16.94 -1.93 -0.59
N VAL A 454 17.83 -2.39 0.30
CA VAL A 454 18.16 -1.58 1.48
C VAL A 454 18.83 -0.27 1.03
N SER A 455 18.60 0.79 1.78
CA SER A 455 19.05 2.11 1.36
C SER A 455 19.59 2.90 2.54
N PHE A 456 20.76 3.53 2.34
CA PHE A 456 21.37 4.48 3.25
C PHE A 456 21.53 5.81 2.51
N ARG A 457 21.87 6.88 3.25
CA ARG A 457 21.99 8.19 2.63
C ARG A 457 22.94 8.14 1.43
N LYS A 458 24.04 7.39 1.55
CA LYS A 458 25.05 7.36 0.51
C LYS A 458 24.49 6.91 -0.84
N ASP A 459 23.51 6.02 -0.85
CA ASP A 459 22.93 5.62 -2.13
C ASP A 459 21.66 6.40 -2.48
N ARG A 460 21.23 7.33 -1.61
CA ARG A 460 20.11 8.20 -1.95
C ARG A 460 20.57 9.49 -2.62
N VAL A 461 21.69 10.06 -2.18
CA VAL A 461 22.18 11.29 -2.76
C VAL A 461 23.69 11.31 -2.65
N LYS A 462 24.35 11.77 -3.70
CA LYS A 462 25.81 11.81 -3.72
C LYS A 462 26.31 13.23 -3.51
N ALA B 7 10.92 -18.57 12.70
CA ALA B 7 9.87 -18.07 13.58
C ALA B 7 8.66 -18.99 13.56
N ALA B 8 8.53 -19.77 12.47
CA ALA B 8 7.45 -20.75 12.40
C ALA B 8 7.67 -21.87 13.40
N GLU B 9 8.93 -22.17 13.73
CA GLU B 9 9.23 -23.14 14.79
C GLU B 9 8.77 -22.60 16.15
N ILE B 10 9.10 -21.34 16.45
CA ILE B 10 8.78 -20.75 17.74
C ILE B 10 7.27 -20.75 17.98
N ARG B 11 6.49 -20.37 16.95
CA ARG B 11 5.06 -20.19 17.17
C ARG B 11 4.37 -21.51 17.46
N GLN B 12 4.80 -22.59 16.81
CA GLN B 12 4.22 -23.90 17.12
C GLN B 12 4.73 -24.44 18.44
N GLN B 13 5.97 -24.11 18.81
CA GLN B 13 6.50 -24.52 20.11
C GLN B 13 5.70 -23.92 21.25
N PHE B 14 5.17 -22.72 21.09
CA PHE B 14 4.48 -22.03 22.18
C PHE B 14 2.97 -22.05 22.02
N ALA B 15 2.44 -22.88 21.14
CA ALA B 15 1.00 -22.96 20.94
C ALA B 15 0.32 -23.53 22.18
N MET B 16 -0.78 -22.90 22.58
CA MET B 16 -1.63 -23.39 23.64
C MET B 16 -2.72 -24.30 23.07
N THR B 17 -3.40 -25.03 23.96
CA THR B 17 -4.62 -25.70 23.56
C THR B 17 -5.70 -24.65 23.26
N ALA B 18 -6.73 -25.08 22.54
CA ALA B 18 -7.79 -24.17 22.14
C ALA B 18 -8.49 -23.56 23.36
N GLY B 19 -9.09 -22.40 23.16
CA GLY B 19 -9.80 -21.71 24.24
C GLY B 19 -9.25 -20.31 24.45
N SER B 20 -10.15 -19.35 24.58
CA SER B 20 -9.74 -17.97 24.77
C SER B 20 -8.92 -17.85 26.05
N PRO B 21 -7.73 -17.24 26.00
CA PRO B 21 -6.92 -17.05 27.21
C PRO B 21 -7.27 -15.82 28.03
N ILE B 22 -8.29 -15.05 27.66
CA ILE B 22 -8.69 -13.88 28.43
C ILE B 22 -9.66 -14.33 29.52
N ILE B 23 -9.27 -14.09 30.77
CA ILE B 23 -10.07 -14.53 31.91
C ILE B 23 -11.06 -13.42 32.26
N VAL B 24 -12.35 -13.78 32.32
CA VAL B 24 -13.41 -12.83 32.59
C VAL B 24 -14.19 -13.29 33.82
N ASN B 25 -15.01 -12.39 34.35
CA ASN B 25 -15.95 -12.73 35.40
C ASN B 25 -17.35 -12.38 34.95
N ASP B 26 -18.35 -12.59 35.81
CA ASP B 26 -19.73 -12.40 35.40
C ASP B 26 -20.13 -10.93 35.32
N LYS B 27 -19.25 -9.99 35.66
CA LYS B 27 -19.57 -8.57 35.57
C LYS B 27 -19.28 -7.95 34.20
N LEU B 28 -18.57 -8.67 33.32
CA LEU B 28 -18.13 -8.09 32.06
C LEU B 28 -19.32 -7.77 31.16
N GLU B 29 -19.32 -6.56 30.61
CA GLU B 29 -20.29 -6.13 29.63
C GLU B 29 -19.56 -5.57 28.41
N ARG B 30 -20.25 -5.59 27.27
CA ARG B 30 -19.69 -4.94 26.10
C ARG B 30 -19.51 -3.45 26.36
N TYR B 31 -18.56 -2.85 25.67
CA TYR B 31 -18.01 -1.54 25.99
C TYR B 31 -18.41 -0.54 24.91
N ALA B 32 -19.00 0.58 25.31
CA ALA B 32 -19.37 1.61 24.34
C ALA B 32 -18.14 2.36 23.86
N GLU B 33 -17.96 2.44 22.54
CA GLU B 33 -16.77 3.05 21.94
C GLU B 33 -16.59 4.48 22.40
N VAL B 34 -17.68 5.20 22.68
CA VAL B 34 -17.56 6.59 23.09
C VAL B 34 -16.71 6.75 24.35
N ARG B 35 -16.54 5.66 25.11
CA ARG B 35 -15.81 5.72 26.37
C ARG B 35 -14.28 5.85 26.21
N THR B 36 -13.74 5.63 25.01
CA THR B 36 -12.29 5.76 24.85
C THR B 36 -11.86 7.19 25.12
N ALA B 37 -10.61 7.35 25.56
CA ALA B 37 -10.12 8.68 25.90
C ALA B 37 -10.15 9.62 24.70
N PHE B 38 -9.97 9.06 23.48
CA PHE B 38 -10.00 9.87 22.26
C PHE B 38 -11.32 10.59 22.07
N THR B 39 -12.43 9.99 22.52
CA THR B 39 -13.76 10.48 22.19
C THR B 39 -14.59 10.94 23.37
N HIS B 40 -14.25 10.52 24.60
CA HIS B 40 -15.18 10.76 25.69
C HIS B 40 -15.13 12.22 26.14
N PRO B 41 -16.27 12.82 26.47
CA PRO B 41 -16.27 14.24 26.82
C PRO B 41 -15.43 14.57 28.05
N THR B 42 -15.19 13.61 28.96
CA THR B 42 -14.36 13.92 30.13
C THR B 42 -12.89 14.06 29.79
N SER B 43 -12.45 13.49 28.67
CA SER B 43 -11.05 13.48 28.27
C SER B 43 -10.76 14.26 27.00
N PHE B 44 -11.78 14.72 26.29
CA PHE B 44 -11.62 15.17 24.91
C PHE B 44 -10.94 16.54 24.81
N PHE B 45 -11.18 17.43 25.77
CA PHE B 45 -10.68 18.80 25.71
C PHE B 45 -9.45 18.96 26.58
N LYS B 46 -8.38 19.50 26.02
CA LYS B 46 -7.11 19.71 26.70
C LYS B 46 -6.53 21.07 26.33
N PRO B 47 -5.84 21.73 27.26
CA PRO B 47 -5.24 23.02 26.94
C PRO B 47 -4.02 22.85 26.03
N ASN B 48 -3.80 23.85 25.18
CA ASN B 48 -2.56 23.96 24.43
C ASN B 48 -1.50 24.64 25.29
N TYR B 49 -0.34 24.95 24.71
CA TYR B 49 0.76 25.53 25.46
C TYR B 49 0.50 26.99 25.83
N LYS B 50 -0.47 27.63 25.19
CA LYS B 50 -0.85 29.00 25.52
C LYS B 50 -1.94 29.06 26.59
N GLY B 51 -2.47 27.93 27.03
CA GLY B 51 -3.55 27.91 27.98
C GLY B 51 -4.95 27.89 27.40
N GLU B 52 -5.08 27.69 26.09
CA GLU B 52 -6.39 27.68 25.45
C GLU B 52 -6.91 26.25 25.35
N VAL B 53 -8.13 26.02 25.83
CA VAL B 53 -8.71 24.68 25.85
C VAL B 53 -9.35 24.40 24.50
N LYS B 54 -8.98 23.26 23.88
CA LYS B 54 -9.47 22.89 22.57
C LYS B 54 -9.67 21.38 22.53
N PRO B 55 -10.34 20.84 21.51
CA PRO B 55 -10.22 19.40 21.24
C PRO B 55 -8.75 19.00 21.28
N TRP B 56 -8.47 17.85 21.89
CA TRP B 56 -7.09 17.53 22.24
C TRP B 56 -6.18 17.52 21.04
N PHE B 57 -6.67 17.05 19.89
CA PHE B 57 -5.77 16.95 18.72
C PHE B 57 -5.48 18.33 18.14
N LEU B 58 -6.39 19.30 18.31
CA LEU B 58 -6.10 20.67 17.90
C LEU B 58 -5.04 21.29 18.80
N SER B 59 -5.09 21.04 20.11
CA SER B 59 -4.01 21.51 20.98
C SER B 59 -2.69 20.88 20.58
N ALA B 60 -2.71 19.61 20.15
CA ALA B 60 -1.47 18.95 19.73
C ALA B 60 -0.96 19.56 18.43
N TYR B 61 -1.85 19.92 17.51
CA TYR B 61 -1.44 20.66 16.33
C TYR B 61 -0.68 21.94 16.70
N ASP B 62 -1.19 22.67 17.71
CA ASP B 62 -0.55 23.92 18.09
C ASP B 62 0.90 23.68 18.53
N GLU B 63 1.14 22.56 19.22
CA GLU B 63 2.49 22.23 19.66
C GLU B 63 3.38 21.83 18.48
N LYS B 64 2.82 21.13 17.48
CA LYS B 64 3.60 20.80 16.28
C LYS B 64 4.06 22.07 15.56
N VAL B 65 3.16 23.05 15.43
CA VAL B 65 3.50 24.33 14.82
C VAL B 65 4.59 25.02 15.62
N ARG B 66 4.41 25.08 16.95
CA ARG B 66 5.41 25.72 17.80
C ARG B 66 6.76 25.04 17.67
N GLN B 67 6.78 23.71 17.59
CA GLN B 67 8.06 23.01 17.48
C GLN B 67 8.74 23.29 16.14
N ILE B 68 7.98 23.30 15.05
CA ILE B 68 8.56 23.62 13.75
C ILE B 68 9.21 25.00 13.79
N GLU B 69 8.47 25.99 14.28
CA GLU B 69 8.97 27.35 14.36
C GLU B 69 10.25 27.43 15.18
N ASN B 70 10.35 26.62 16.24
CA ASN B 70 11.52 26.64 17.11
C ASN B 70 12.54 25.56 16.77
N GLY B 71 12.43 24.94 15.59
CA GLY B 71 13.43 23.98 15.15
C GLY B 71 13.59 22.78 16.07
N GLU B 72 12.47 22.19 16.48
CA GLU B 72 12.46 21.04 17.37
C GLU B 72 11.72 19.88 16.72
N ASN B 73 12.18 18.66 17.00
CA ASN B 73 11.54 17.41 16.56
C ASN B 73 10.60 16.83 17.60
N GLY B 74 10.53 17.42 18.79
CA GLY B 74 9.71 16.94 19.87
C GLY B 74 9.87 17.84 21.09
N PRO B 75 9.33 17.42 22.24
CA PRO B 75 9.39 18.26 23.45
C PRO B 75 10.82 18.43 23.94
N LYS B 76 11.30 19.67 23.92
CA LYS B 76 12.67 19.99 24.33
C LYS B 76 13.70 19.13 23.59
N MET B 77 13.42 18.85 22.32
CA MET B 77 14.34 18.08 21.49
C MET B 77 14.65 18.92 20.25
N LYS B 78 15.79 19.60 20.28
CA LYS B 78 16.20 20.43 19.16
C LYS B 78 16.45 19.58 17.92
N ALA B 79 16.01 20.08 16.78
CA ALA B 79 16.29 19.46 15.49
C ALA B 79 17.62 19.99 14.96
N LYS B 80 18.10 19.36 13.89
CA LYS B 80 19.29 19.89 13.23
C LYS B 80 19.07 21.32 12.78
N ASN B 81 17.89 21.62 12.26
CA ASN B 81 17.49 22.94 11.79
C ASN B 81 15.99 22.92 11.60
N VAL B 82 15.42 24.07 11.22
CA VAL B 82 13.98 24.17 10.99
C VAL B 82 13.56 23.29 9.81
N GLY B 83 14.41 23.16 8.80
CA GLY B 83 14.08 22.26 7.69
C GLY B 83 13.84 20.83 8.14
N GLU B 84 14.67 20.33 9.05
CA GLU B 84 14.46 18.97 9.54
C GLU B 84 13.17 18.85 10.35
N ALA B 85 12.88 19.84 11.19
CA ALA B 85 11.67 19.80 11.98
C ALA B 85 10.43 19.73 11.09
N ARG B 86 10.39 20.60 10.06
CA ARG B 86 9.32 20.58 9.07
C ARG B 86 9.20 19.22 8.38
N ALA B 87 10.34 18.60 8.03
CA ALA B 87 10.29 17.36 7.26
C ALA B 87 9.62 16.24 8.05
N GLY B 88 9.88 16.15 9.35
CA GLY B 88 9.30 15.08 10.13
C GLY B 88 7.80 15.22 10.26
N ARG B 89 7.32 16.45 10.41
CA ARG B 89 5.87 16.68 10.48
C ARG B 89 5.21 16.53 9.12
N ALA B 90 5.92 16.87 8.03
CA ALA B 90 5.37 16.59 6.70
C ALA B 90 5.25 15.10 6.46
N LEU B 91 6.23 14.31 6.90
CA LEU B 91 6.14 12.86 6.72
C LEU B 91 4.99 12.30 7.53
N GLU B 92 4.88 12.70 8.80
CA GLU B 92 3.78 12.28 9.66
C GLU B 92 2.42 12.61 9.05
N ALA B 93 2.21 13.88 8.67
CA ALA B 93 0.92 14.26 8.08
C ALA B 93 0.60 13.43 6.85
N ALA B 94 1.58 13.23 5.96
CA ALA B 94 1.33 12.48 4.73
C ALA B 94 0.97 11.03 5.01
N GLY B 95 1.54 10.44 6.08
CA GLY B 95 1.31 9.03 6.34
C GLY B 95 -0.17 8.69 6.50
N TRP B 96 -0.95 9.60 7.07
CA TRP B 96 -2.39 9.48 7.32
C TRP B 96 -3.26 9.60 6.05
N THR B 97 -2.71 9.63 4.84
CA THR B 97 -3.49 9.98 3.64
C THR B 97 -4.72 9.09 3.47
N LEU B 98 -4.61 7.80 3.78
CA LEU B 98 -5.71 6.86 3.53
C LEU B 98 -6.48 6.53 4.80
N ASP B 99 -6.60 7.49 5.74
CA ASP B 99 -7.26 7.27 7.02
C ASP B 99 -8.16 8.46 7.31
N ILE B 100 -9.35 8.18 7.83
CA ILE B 100 -10.38 9.20 8.10
C ILE B 100 -10.37 9.50 9.59
N ASN B 101 -10.09 10.76 9.92
CA ASN B 101 -10.25 11.30 11.28
C ASN B 101 -9.59 10.42 12.35
N TYR B 102 -8.37 9.97 12.05
CA TYR B 102 -7.49 9.28 12.98
C TYR B 102 -8.10 7.94 13.45
N GLY B 103 -8.12 6.98 12.52
CA GLY B 103 -8.44 5.62 12.88
C GLY B 103 -9.52 4.93 12.05
N ASN B 104 -10.19 5.66 11.15
CA ASN B 104 -11.25 5.04 10.34
C ASN B 104 -12.32 4.37 11.19
N ILE B 105 -12.68 4.98 12.33
CA ILE B 105 -13.55 4.24 13.25
C ILE B 105 -15.03 4.21 12.85
N TYR B 106 -15.53 5.18 12.08
CA TYR B 106 -16.97 5.16 11.73
C TYR B 106 -17.27 3.94 10.88
N PRO B 107 -18.12 3.02 11.32
CA PRO B 107 -18.41 1.85 10.51
C PRO B 107 -19.32 2.19 9.34
N ASN B 108 -19.06 1.54 8.21
CA ASN B 108 -19.87 1.66 6.99
C ASN B 108 -19.90 3.09 6.48
N ARG B 109 -18.76 3.79 6.59
CA ARG B 109 -18.55 5.12 6.04
C ARG B 109 -17.20 5.16 5.33
N PHE B 110 -17.11 6.01 4.30
CA PHE B 110 -15.83 6.32 3.65
C PHE B 110 -15.13 5.04 3.15
N PHE B 111 -13.99 4.67 3.75
CA PHE B 111 -13.28 3.45 3.35
C PHE B 111 -13.84 2.18 3.99
N MET B 112 -14.61 2.30 5.06
CA MET B 112 -15.02 1.15 5.86
C MET B 112 -16.40 0.62 5.46
N LEU B 113 -16.68 0.48 4.16
CA LEU B 113 -18.02 0.06 3.75
C LEU B 113 -18.25 -1.42 4.07
N TRP B 114 -19.45 -1.71 4.58
CA TRP B 114 -19.81 -3.06 4.99
C TRP B 114 -20.31 -3.91 3.82
N SER B 115 -20.54 -3.29 2.65
CA SER B 115 -20.83 -4.00 1.42
C SER B 115 -19.95 -3.45 0.30
N GLY B 116 -19.57 -4.32 -0.62
CA GLY B 116 -18.78 -3.85 -1.74
C GLY B 116 -19.55 -3.27 -2.90
N GLU B 117 -20.88 -3.26 -2.83
CA GLU B 117 -21.71 -3.08 -4.03
C GLU B 117 -21.44 -1.75 -4.74
N THR B 118 -21.22 -0.66 -3.99
CA THR B 118 -21.03 0.66 -4.59
C THR B 118 -19.56 1.00 -4.90
N MET B 119 -18.61 0.15 -4.53
CA MET B 119 -17.20 0.50 -4.74
C MET B 119 -16.87 0.55 -6.24
N THR B 120 -15.97 1.47 -6.62
CA THR B 120 -15.58 1.59 -8.03
C THR B 120 -15.03 0.28 -8.57
N ASN B 121 -14.22 -0.43 -7.77
CA ASN B 121 -13.67 -1.71 -8.20
C ASN B 121 -14.77 -2.73 -8.45
N THR B 122 -15.77 -2.79 -7.56
CA THR B 122 -16.86 -3.74 -7.75
C THR B 122 -17.66 -3.44 -9.02
N GLN B 123 -17.92 -2.16 -9.28
CA GLN B 123 -18.68 -1.80 -10.48
C GLN B 123 -17.93 -2.16 -11.75
N LEU B 124 -16.61 -1.89 -11.78
CA LEU B 124 -15.80 -2.21 -12.95
C LEU B 124 -15.81 -3.71 -13.24
N TRP B 125 -15.80 -4.53 -12.20
CA TRP B 125 -15.76 -5.99 -12.33
C TRP B 125 -17.14 -6.63 -12.40
N ALA B 126 -18.21 -5.84 -12.36
CA ALA B 126 -19.56 -6.40 -12.32
C ALA B 126 -19.86 -7.43 -13.41
N PRO B 127 -19.43 -7.28 -14.66
CA PRO B 127 -19.77 -8.31 -15.67
C PRO B 127 -19.25 -9.69 -15.33
N VAL B 128 -18.21 -9.81 -14.49
CA VAL B 128 -17.72 -11.14 -14.14
C VAL B 128 -18.61 -11.80 -13.09
N GLY B 129 -19.21 -11.01 -12.20
CA GLY B 129 -20.15 -11.54 -11.23
C GLY B 129 -19.56 -12.31 -10.06
N LEU B 130 -18.29 -12.06 -9.72
CA LEU B 130 -17.68 -12.78 -8.61
C LEU B 130 -18.38 -12.50 -7.29
N ASP B 131 -18.91 -11.29 -7.10
CA ASP B 131 -19.55 -10.98 -5.83
C ASP B 131 -20.98 -11.52 -5.75
N ARG B 132 -21.58 -11.88 -6.89
CA ARG B 132 -22.92 -12.46 -6.90
C ARG B 132 -22.91 -13.97 -6.98
N ARG B 133 -21.79 -14.59 -7.34
CA ARG B 133 -21.71 -16.04 -7.56
C ARG B 133 -21.56 -16.78 -6.23
N PRO B 134 -22.35 -17.83 -5.98
CA PRO B 134 -22.21 -18.59 -4.73
C PRO B 134 -20.79 -19.13 -4.56
N PRO B 135 -20.36 -19.39 -3.33
CA PRO B 135 -18.98 -19.86 -3.12
C PRO B 135 -18.74 -21.18 -3.84
N ASP B 136 -17.57 -21.27 -4.47
CA ASP B 136 -17.16 -22.55 -5.04
C ASP B 136 -16.37 -23.40 -4.06
N THR B 137 -15.93 -22.82 -2.95
CA THR B 137 -15.17 -23.51 -1.91
C THR B 137 -15.85 -23.26 -0.59
N THR B 138 -16.15 -24.33 0.14
CA THR B 138 -16.69 -24.22 1.49
C THR B 138 -15.81 -24.90 2.51
N ASP B 139 -14.77 -25.60 2.08
CA ASP B 139 -13.85 -26.29 2.97
C ASP B 139 -13.05 -25.29 3.78
N PRO B 140 -13.18 -25.26 5.11
CA PRO B 140 -12.45 -24.27 5.91
C PRO B 140 -10.94 -24.36 5.83
N VAL B 141 -10.39 -25.56 5.57
CA VAL B 141 -8.94 -25.70 5.44
C VAL B 141 -8.44 -24.96 4.19
N GLU B 142 -9.09 -25.19 3.05
CA GLU B 142 -8.64 -24.53 1.83
C GLU B 142 -8.89 -23.02 1.92
N LEU B 143 -10.02 -22.62 2.50
CA LEU B 143 -10.33 -21.19 2.61
C LEU B 143 -9.34 -20.48 3.52
N THR B 144 -8.92 -21.14 4.60
CA THR B 144 -7.92 -20.54 5.49
C THR B 144 -6.60 -20.33 4.76
N ASN B 145 -6.20 -21.28 3.92
CA ASN B 145 -4.96 -21.09 3.16
C ASN B 145 -5.10 -19.97 2.14
N TYR B 146 -6.21 -19.96 1.38
CA TYR B 146 -6.43 -18.90 0.40
C TYR B 146 -6.44 -17.52 1.06
N VAL B 147 -7.19 -17.36 2.16
CA VAL B 147 -7.39 -16.01 2.70
C VAL B 147 -6.13 -15.51 3.41
N LYS B 148 -5.32 -16.41 3.98
CA LYS B 148 -4.06 -15.98 4.56
C LYS B 148 -3.05 -15.57 3.48
N PHE B 149 -2.97 -16.32 2.39
CA PHE B 149 -2.16 -15.89 1.26
C PHE B 149 -2.58 -14.50 0.80
N ALA B 150 -3.88 -14.29 0.59
CA ALA B 150 -4.38 -12.99 0.18
C ALA B 150 -4.02 -11.92 1.21
N ALA B 151 -4.10 -12.25 2.50
CA ALA B 151 -3.79 -11.27 3.54
C ALA B 151 -2.34 -10.82 3.46
N ARG B 152 -1.43 -11.74 3.10
CA ARG B 152 -0.03 -11.35 2.98
C ARG B 152 0.18 -10.45 1.78
N MET B 153 -0.44 -10.79 0.64
CA MET B 153 -0.46 -9.90 -0.51
C MET B 153 -0.98 -8.52 -0.15
N ALA B 154 -1.96 -8.45 0.77
CA ALA B 154 -2.61 -7.21 1.14
C ALA B 154 -1.84 -6.41 2.19
N GLY B 155 -0.65 -6.85 2.59
CA GLY B 155 0.20 -6.03 3.45
C GLY B 155 0.30 -6.46 4.89
N ALA B 156 -0.31 -7.57 5.29
CA ALA B 156 -0.15 -8.03 6.66
C ALA B 156 1.20 -8.72 6.82
N ASP B 157 1.89 -8.40 7.90
CA ASP B 157 3.10 -9.11 8.29
C ASP B 157 2.78 -10.31 9.17
N LEU B 158 1.67 -10.25 9.89
CA LEU B 158 1.14 -11.36 10.66
C LEU B 158 -0.34 -11.49 10.34
N VAL B 159 -0.85 -12.72 10.38
CA VAL B 159 -2.29 -12.93 10.16
C VAL B 159 -2.73 -14.12 10.99
N GLY B 160 -3.88 -13.99 11.63
CA GLY B 160 -4.44 -15.06 12.44
C GLY B 160 -5.95 -15.04 12.37
N VAL B 161 -6.56 -16.17 12.72
CA VAL B 161 -8.01 -16.34 12.70
C VAL B 161 -8.50 -16.77 14.08
N ALA B 162 -9.64 -16.23 14.49
CA ALA B 162 -10.33 -16.64 15.72
C ALA B 162 -11.83 -16.67 15.47
N ARG B 163 -12.54 -17.47 16.27
CA ARG B 163 -13.99 -17.28 16.37
C ARG B 163 -14.27 -15.90 16.96
N LEU B 164 -15.34 -15.26 16.50
CA LEU B 164 -15.70 -13.93 16.97
C LEU B 164 -16.24 -13.99 18.40
N ASN B 165 -15.51 -13.40 19.34
CA ASN B 165 -16.00 -13.24 20.72
C ASN B 165 -16.71 -11.89 20.80
N ARG B 166 -18.03 -11.93 20.97
CA ARG B 166 -18.79 -10.69 20.95
C ARG B 166 -18.52 -9.80 22.16
N ASN B 167 -17.84 -10.31 23.19
CA ASN B 167 -17.50 -9.48 24.34
C ASN B 167 -16.62 -8.30 23.96
N TRP B 168 -15.85 -8.43 22.88
CA TRP B 168 -14.92 -7.39 22.48
C TRP B 168 -15.47 -6.50 21.38
N VAL B 169 -16.68 -6.76 20.90
CA VAL B 169 -17.33 -5.90 19.93
C VAL B 169 -17.98 -4.75 20.69
N TYR B 170 -17.75 -3.52 20.23
CA TYR B 170 -18.30 -2.37 20.93
C TYR B 170 -19.81 -2.49 21.03
N SER B 171 -20.37 -2.12 22.19
CA SER B 171 -21.81 -2.14 22.33
C SER B 171 -22.46 -1.13 21.41
N GLU B 172 -21.86 0.06 21.30
CA GLU B 172 -22.30 1.09 20.39
C GLU B 172 -21.07 1.71 19.74
N ALA B 173 -21.18 2.01 18.46
CA ALA B 173 -20.08 2.61 17.70
C ALA B 173 -20.18 4.14 17.68
N VAL B 174 -19.04 4.81 17.52
CA VAL B 174 -19.02 6.22 17.18
C VAL B 174 -19.07 6.33 15.66
N THR B 175 -19.99 7.14 15.14
CA THR B 175 -20.15 7.25 13.68
C THR B 175 -20.72 8.63 13.36
N ILE B 176 -21.13 8.81 12.10
CA ILE B 176 -21.79 10.05 11.65
C ILE B 176 -23.00 9.65 10.83
N PRO B 177 -24.00 10.53 10.72
CA PRO B 177 -25.13 10.22 9.84
C PRO B 177 -24.65 10.06 8.41
N ALA B 178 -25.35 9.19 7.66
CA ALA B 178 -24.84 8.72 6.37
C ALA B 178 -24.71 9.84 5.34
N ASP B 179 -25.52 10.89 5.44
CA ASP B 179 -25.48 11.97 4.46
C ASP B 179 -24.69 13.18 4.93
N VAL B 180 -23.97 13.07 6.05
CA VAL B 180 -23.18 14.19 6.55
C VAL B 180 -21.89 14.25 5.74
N PRO B 181 -21.56 15.38 5.11
CA PRO B 181 -20.33 15.44 4.32
C PRO B 181 -19.09 15.42 5.21
N TYR B 182 -17.95 15.05 4.63
CA TYR B 182 -16.73 14.95 5.42
C TYR B 182 -16.45 16.22 6.20
N GLU B 183 -16.67 17.39 5.59
CA GLU B 183 -16.28 18.64 6.22
C GLU B 183 -17.05 18.92 7.51
N GLN B 184 -18.21 18.29 7.71
CA GLN B 184 -18.93 18.42 8.98
C GLN B 184 -18.79 17.21 9.89
N SER B 185 -17.95 16.25 9.52
CA SER B 185 -17.94 14.96 10.21
C SER B 185 -17.56 15.09 11.68
N LEU B 186 -16.46 15.80 11.96
CA LEU B 186 -15.98 15.89 13.35
C LEU B 186 -17.00 16.55 14.28
N HIS B 187 -17.87 17.39 13.74
CA HIS B 187 -18.83 18.12 14.55
C HIS B 187 -20.16 17.39 14.70
N LYS B 188 -20.32 16.24 14.06
CA LYS B 188 -21.61 15.55 14.04
C LYS B 188 -21.45 14.07 14.33
N GLU B 189 -20.49 13.71 15.17
CA GLU B 189 -20.35 12.32 15.60
C GLU B 189 -21.49 11.94 16.53
N ILE B 190 -21.99 10.72 16.35
CA ILE B 190 -23.10 10.17 17.11
C ILE B 190 -22.73 8.76 17.56
N GLU B 191 -23.53 8.24 18.50
N GLU B 191 -23.60 8.20 18.41
CA GLU B 191 -23.44 6.86 18.90
CA GLU B 191 -23.44 6.85 18.95
C GLU B 191 -24.47 6.05 18.14
C GLU B 191 -24.54 5.95 18.40
N LYS B 192 -24.16 4.77 17.90
CA LYS B 192 -25.09 3.90 17.20
C LYS B 192 -24.85 2.46 17.63
N PRO B 193 -25.89 1.74 18.07
CA PRO B 193 -25.69 0.39 18.57
C PRO B 193 -25.27 -0.58 17.48
N ILE B 194 -24.41 -1.53 17.88
CA ILE B 194 -24.03 -2.67 17.05
C ILE B 194 -24.75 -3.90 17.60
N VAL B 195 -25.62 -4.51 16.78
CA VAL B 195 -26.41 -5.64 17.23
C VAL B 195 -26.25 -6.81 16.26
N PHE B 196 -26.54 -8.01 16.75
CA PHE B 196 -26.48 -9.23 15.97
C PHE B 196 -27.89 -9.79 15.78
N LYS B 197 -28.25 -10.08 14.52
CA LYS B 197 -29.59 -10.55 14.22
C LYS B 197 -29.53 -11.58 13.11
N ASP B 198 -30.64 -12.32 12.96
CA ASP B 198 -30.74 -13.30 11.88
C ASP B 198 -31.10 -12.55 10.61
N VAL B 199 -30.08 -12.08 9.91
CA VAL B 199 -30.21 -11.44 8.61
C VAL B 199 -29.18 -12.06 7.68
N PRO B 200 -29.41 -11.99 6.37
CA PRO B 200 -28.46 -12.64 5.45
C PRO B 200 -27.13 -11.92 5.35
N LEU B 201 -27.13 -10.59 5.39
CA LEU B 201 -25.95 -9.79 5.08
C LEU B 201 -25.80 -8.67 6.10
N PRO B 202 -24.58 -8.21 6.36
CA PRO B 202 -24.41 -7.01 7.18
C PRO B 202 -25.21 -5.84 6.58
N ILE B 203 -25.89 -5.10 7.45
CA ILE B 203 -26.77 -4.04 6.97
C ILE B 203 -26.84 -2.96 8.06
N GLU B 204 -27.03 -1.72 7.63
CA GLU B 204 -27.21 -0.61 8.54
C GLU B 204 -28.59 0.00 8.31
N THR B 205 -29.35 0.16 9.39
CA THR B 205 -30.61 0.89 9.34
C THR B 205 -30.41 2.28 9.94
N ASP B 206 -31.48 3.07 9.95
CA ASP B 206 -31.40 4.36 10.63
C ASP B 206 -30.99 4.19 12.08
N ASP B 207 -31.38 3.06 12.69
CA ASP B 207 -31.24 2.89 14.13
C ASP B 207 -30.07 2.01 14.55
N GLU B 208 -29.63 1.07 13.71
CA GLU B 208 -28.69 0.06 14.18
C GLU B 208 -27.69 -0.32 13.10
N LEU B 209 -26.48 -0.65 13.54
CA LEU B 209 -25.51 -1.42 12.75
C LEU B 209 -25.76 -2.90 13.03
N ILE B 210 -26.14 -3.66 12.00
CA ILE B 210 -26.60 -5.02 12.18
C ILE B 210 -25.57 -5.98 11.58
N ILE B 211 -24.94 -6.78 12.44
CA ILE B 211 -24.06 -7.87 12.03
C ILE B 211 -24.86 -9.17 12.01
N PRO B 212 -24.73 -10.00 10.96
CA PRO B 212 -25.46 -11.26 10.94
C PRO B 212 -24.99 -12.23 12.02
N ASN B 213 -25.94 -13.04 12.51
CA ASN B 213 -25.56 -14.11 13.42
C ASN B 213 -24.65 -15.13 12.77
N THR B 214 -24.62 -15.19 11.44
CA THR B 214 -23.70 -16.09 10.74
C THR B 214 -22.26 -15.58 10.73
N CYS B 215 -21.99 -14.40 11.30
CA CYS B 215 -20.65 -13.81 11.25
C CYS B 215 -19.79 -14.49 12.31
N GLU B 216 -19.20 -15.63 11.92
CA GLU B 216 -18.58 -16.53 12.88
C GLU B 216 -17.15 -16.15 13.23
N ASN B 217 -16.41 -15.52 12.31
CA ASN B 217 -14.96 -15.46 12.41
C ASN B 217 -14.44 -14.02 12.34
N VAL B 218 -13.27 -13.80 12.92
CA VAL B 218 -12.52 -12.57 12.75
C VAL B 218 -11.13 -12.92 12.25
N ILE B 219 -10.66 -12.20 11.23
CA ILE B 219 -9.30 -12.31 10.72
C ILE B 219 -8.55 -11.10 11.22
N VAL B 220 -7.44 -11.31 11.92
CA VAL B 220 -6.65 -10.24 12.54
C VAL B 220 -5.31 -10.14 11.83
N ALA B 221 -4.92 -8.92 11.45
CA ALA B 221 -3.66 -8.64 10.79
C ALA B 221 -2.75 -7.82 11.70
N GLY B 222 -1.45 -8.13 11.64
CA GLY B 222 -0.41 -7.33 12.26
C GLY B 222 0.39 -6.64 11.18
N ILE B 223 0.54 -5.33 11.32
CA ILE B 223 1.17 -4.48 10.32
C ILE B 223 2.37 -3.81 10.98
N ALA B 224 3.59 -4.24 10.62
CA ALA B 224 4.77 -3.92 11.42
C ALA B 224 5.21 -2.46 11.25
N MET B 225 5.53 -1.80 12.37
CA MET B 225 6.09 -0.46 12.32
C MET B 225 7.62 -0.51 12.22
N ASN B 226 8.23 0.65 11.97
CA ASN B 226 9.67 0.71 11.78
C ASN B 226 10.39 0.90 13.11
N ARG B 227 11.39 0.05 13.38
CA ARG B 227 12.05 0.05 14.69
C ARG B 227 12.82 1.34 14.93
N GLU B 228 13.64 1.75 13.96
CA GLU B 228 14.45 2.96 14.13
C GLU B 228 13.58 4.19 14.35
N MET B 229 12.46 4.28 13.63
CA MET B 229 11.58 5.44 13.77
C MET B 229 10.85 5.43 15.11
N MET B 230 10.33 4.27 15.53
CA MET B 230 9.64 4.23 16.82
C MET B 230 10.60 4.49 17.98
N GLN B 231 11.89 4.19 17.80
CA GLN B 231 12.85 4.47 18.86
C GLN B 231 13.05 5.96 19.10
N THR B 232 12.58 6.84 18.19
CA THR B 232 12.64 8.27 18.45
C THR B 232 11.48 8.77 19.31
N ALA B 233 10.59 7.88 19.76
CA ALA B 233 9.45 8.31 20.58
C ALA B 233 9.99 9.10 21.77
N PRO B 234 9.31 10.18 22.17
CA PRO B 234 8.00 10.67 21.71
C PRO B 234 8.05 11.70 20.57
N ASN B 235 9.09 11.65 19.75
CA ASN B 235 9.34 12.69 18.75
C ASN B 235 8.68 12.34 17.43
N SER B 236 8.89 13.18 16.42
CA SER B 236 8.05 13.19 15.23
C SER B 236 8.19 11.92 14.39
N MET B 237 9.38 11.32 14.32
CA MET B 237 9.51 10.18 13.43
C MET B 237 8.78 8.96 13.97
N ALA B 238 8.55 8.87 15.28
CA ALA B 238 7.66 7.83 15.78
C ALA B 238 6.23 8.10 15.34
N CYS B 239 5.85 9.38 15.26
CA CYS B 239 4.53 9.74 14.72
C CYS B 239 4.40 9.28 13.28
N ALA B 240 5.49 9.39 12.52
CA ALA B 240 5.42 9.10 11.09
C ALA B 240 5.22 7.62 10.83
N THR B 241 5.90 6.72 11.58
CA THR B 241 5.71 5.30 11.29
C THR B 241 4.33 4.84 11.75
N THR B 242 3.79 5.45 12.83
CA THR B 242 2.40 5.23 13.21
C THR B 242 1.47 5.57 12.07
N ALA B 243 1.59 6.78 11.54
CA ALA B 243 0.67 7.27 10.54
C ALA B 243 0.67 6.40 9.29
N PHE B 244 1.86 6.12 8.75
CA PHE B 244 1.93 5.32 7.53
C PHE B 244 1.27 3.96 7.72
N CYS B 245 1.43 3.36 8.90
CA CYS B 245 0.81 2.05 9.11
C CYS B 245 -0.70 2.14 9.23
N TYR B 246 -1.26 3.28 9.65
CA TYR B 246 -2.72 3.40 9.58
C TYR B 246 -3.22 3.36 8.14
N SER B 247 -2.49 3.96 7.20
CA SER B 247 -2.91 3.85 5.81
C SER B 247 -2.72 2.44 5.27
N ARG B 248 -1.65 1.75 5.71
CA ARG B 248 -1.49 0.34 5.37
C ARG B 248 -2.65 -0.50 5.91
N MET B 249 -3.11 -0.19 7.13
CA MET B 249 -4.28 -0.89 7.69
C MET B 249 -5.51 -0.73 6.82
N CYS B 250 -5.74 0.49 6.32
CA CYS B 250 -6.95 0.74 5.55
C CYS B 250 -6.90 -0.01 4.22
N MET B 251 -5.75 0.01 3.57
CA MET B 251 -5.61 -0.74 2.33
C MET B 251 -5.77 -2.25 2.56
N PHE B 252 -5.25 -2.76 3.68
CA PHE B 252 -5.42 -4.17 3.98
C PHE B 252 -6.90 -4.55 4.09
N ASP B 253 -7.66 -3.78 4.87
CA ASP B 253 -9.08 -4.07 5.06
C ASP B 253 -9.80 -4.12 3.72
N MET B 254 -9.58 -3.11 2.86
CA MET B 254 -10.33 -3.02 1.61
C MET B 254 -9.95 -4.16 0.67
N TRP B 255 -8.65 -4.43 0.53
CA TRP B 255 -8.18 -5.54 -0.30
C TRP B 255 -8.78 -6.87 0.17
N LEU B 256 -8.67 -7.15 1.47
CA LEU B 256 -9.11 -8.44 1.98
C LEU B 256 -10.62 -8.57 1.93
N CYS B 257 -11.36 -7.50 2.27
CA CYS B 257 -12.82 -7.57 2.13
C CYS B 257 -13.22 -7.86 0.70
N GLN B 258 -12.56 -7.21 -0.28
CA GLN B 258 -12.91 -7.45 -1.67
C GLN B 258 -12.62 -8.89 -2.08
N PHE B 259 -11.50 -9.46 -1.64
CA PHE B 259 -11.19 -10.85 -1.94
C PHE B 259 -12.25 -11.79 -1.36
N ILE B 260 -12.63 -11.58 -0.10
CA ILE B 260 -13.63 -12.43 0.56
C ILE B 260 -14.98 -12.32 -0.15
N ARG B 261 -15.38 -11.09 -0.51
CA ARG B 261 -16.63 -10.91 -1.24
C ARG B 261 -16.58 -11.58 -2.60
N TYR B 262 -15.43 -11.51 -3.27
CA TYR B 262 -15.31 -12.12 -4.58
C TYR B 262 -15.20 -13.64 -4.52
N MET B 263 -14.98 -14.19 -3.32
CA MET B 263 -15.07 -15.63 -3.06
C MET B 263 -16.48 -16.10 -2.74
N GLY B 264 -17.44 -15.18 -2.62
CA GLY B 264 -18.82 -15.55 -2.35
C GLY B 264 -19.30 -15.36 -0.93
N TYR B 265 -18.55 -14.68 -0.08
CA TYR B 265 -18.87 -14.47 1.31
C TYR B 265 -19.01 -12.96 1.57
N TYR B 266 -19.40 -12.57 2.78
CA TYR B 266 -19.41 -11.15 3.13
C TYR B 266 -18.24 -10.84 4.06
N ALA B 267 -17.92 -9.55 4.18
CA ALA B 267 -16.78 -9.13 4.97
C ALA B 267 -17.02 -7.73 5.51
N ILE B 268 -16.67 -7.54 6.79
CA ILE B 268 -16.83 -6.27 7.49
C ILE B 268 -15.43 -5.75 7.83
N PRO B 269 -14.99 -4.64 7.25
CA PRO B 269 -13.71 -4.05 7.65
C PRO B 269 -13.85 -3.33 8.99
N SER B 270 -12.72 -2.92 9.56
CA SER B 270 -12.85 -2.14 10.80
C SER B 270 -11.75 -1.13 11.14
N CYS B 271 -10.47 -1.42 10.82
CA CYS B 271 -9.36 -0.62 11.35
C CYS B 271 -9.51 -0.39 12.86
N ASN B 272 -9.58 0.86 13.34
CA ASN B 272 -9.70 1.07 14.79
C ASN B 272 -11.14 1.02 15.30
N GLY B 273 -12.13 0.76 14.42
CA GLY B 273 -13.51 0.70 14.84
C GLY B 273 -14.00 -0.71 15.16
N VAL B 274 -15.31 -0.79 15.47
CA VAL B 274 -16.12 -2.00 15.63
C VAL B 274 -15.80 -2.79 16.90
N GLY B 275 -14.52 -2.94 17.25
CA GLY B 275 -14.20 -3.69 18.46
C GLY B 275 -12.75 -3.54 18.86
N GLN B 276 -12.39 -4.22 19.95
CA GLN B 276 -11.09 -4.05 20.60
C GLN B 276 -10.07 -4.98 19.96
N SER B 277 -9.13 -4.40 19.23
CA SER B 277 -8.19 -5.18 18.43
C SER B 277 -7.27 -6.05 19.28
N VAL B 278 -6.85 -5.57 20.46
CA VAL B 278 -5.90 -6.33 21.27
C VAL B 278 -6.51 -7.66 21.67
N ALA B 279 -7.77 -7.66 22.09
CA ALA B 279 -8.43 -8.91 22.48
C ALA B 279 -8.53 -9.87 21.30
N PHE B 280 -8.97 -9.40 20.14
CA PHE B 280 -9.05 -10.27 18.97
C PHE B 280 -7.69 -10.83 18.61
N ALA B 281 -6.64 -10.00 18.70
CA ALA B 281 -5.30 -10.44 18.35
C ALA B 281 -4.80 -11.53 19.28
N VAL B 282 -5.13 -11.43 20.57
CA VAL B 282 -4.72 -12.46 21.52
C VAL B 282 -5.49 -13.75 21.25
N GLU B 283 -6.80 -13.64 20.98
CA GLU B 283 -7.57 -14.84 20.71
C GLU B 283 -7.19 -15.49 19.39
N ALA B 284 -6.63 -14.73 18.44
CA ALA B 284 -6.19 -15.28 17.17
C ALA B 284 -4.74 -15.76 17.19
N GLY B 285 -4.06 -15.68 18.34
CA GLY B 285 -2.72 -16.22 18.45
C GLY B 285 -1.59 -15.35 17.95
N LEU B 286 -1.83 -14.07 17.64
CA LEU B 286 -0.74 -13.22 17.20
C LEU B 286 0.24 -12.91 18.34
N GLY B 287 -0.25 -12.85 19.58
CA GLY B 287 0.61 -12.48 20.68
C GLY B 287 -0.12 -12.60 21.99
N GLN B 288 0.48 -12.02 23.03
CA GLN B 288 -0.07 -12.01 24.39
C GLN B 288 -0.29 -10.59 24.86
N ALA B 289 -1.28 -10.41 25.73
CA ALA B 289 -1.48 -9.12 26.40
C ALA B 289 -0.28 -8.78 27.28
N SER B 290 -0.11 -7.49 27.58
CA SER B 290 1.10 -6.99 28.24
C SER B 290 0.74 -5.97 29.31
N ARG B 291 1.75 -5.58 30.09
CA ARG B 291 1.53 -4.56 31.13
C ARG B 291 1.09 -3.23 30.52
N MET B 292 1.74 -2.83 29.42
CA MET B 292 1.37 -1.56 28.80
C MET B 292 -0.04 -1.61 28.21
N GLY B 293 -0.57 -2.81 27.96
CA GLY B 293 -1.89 -3.00 27.41
C GLY B 293 -1.90 -3.49 25.97
N ALA B 294 -0.78 -3.43 25.27
CA ALA B 294 -0.70 -3.85 23.87
C ALA B 294 -0.56 -5.36 23.75
N CYS B 295 -0.84 -5.87 22.56
CA CYS B 295 -0.52 -7.25 22.21
C CYS B 295 0.95 -7.31 21.80
N ILE B 296 1.73 -8.13 22.51
CA ILE B 296 3.17 -8.29 22.24
C ILE B 296 3.34 -9.56 21.40
N THR B 297 3.98 -9.41 20.23
CA THR B 297 4.17 -10.49 19.29
C THR B 297 5.61 -11.00 19.37
N PRO B 298 5.87 -12.29 19.12
CA PRO B 298 7.27 -12.74 19.09
C PRO B 298 8.11 -12.03 18.03
N GLU B 299 7.53 -11.72 16.87
CA GLU B 299 8.32 -11.15 15.78
C GLU B 299 8.67 -9.69 16.03
N PHE B 300 7.73 -8.91 16.57
CA PHE B 300 7.87 -7.47 16.64
C PHE B 300 7.70 -6.88 18.03
N GLY B 301 7.49 -7.71 19.05
CA GLY B 301 7.02 -7.19 20.32
C GLY B 301 5.74 -6.40 20.09
N PRO B 302 5.54 -5.30 20.84
CA PRO B 302 4.36 -4.45 20.63
C PRO B 302 4.50 -3.45 19.50
N ASN B 303 5.61 -3.46 18.77
CA ASN B 303 5.86 -2.45 17.73
C ASN B 303 5.20 -2.86 16.41
N VAL B 304 3.89 -3.09 16.49
CA VAL B 304 3.10 -3.58 15.38
C VAL B 304 1.68 -3.05 15.53
N ARG B 305 1.07 -2.61 14.44
CA ARG B 305 -0.32 -2.18 14.49
C ARG B 305 -1.24 -3.34 14.12
N LEU B 306 -2.52 -3.20 14.50
CA LEU B 306 -3.50 -4.26 14.32
C LEU B 306 -4.70 -3.75 13.55
N THR B 307 -5.24 -4.60 12.67
CA THR B 307 -6.56 -4.37 12.12
C THR B 307 -7.26 -5.71 11.99
N LYS B 308 -8.53 -5.70 11.62
CA LYS B 308 -9.27 -6.95 11.63
C LYS B 308 -10.50 -6.87 10.73
N VAL B 309 -10.94 -8.03 10.23
CA VAL B 309 -12.05 -8.18 9.31
C VAL B 309 -12.95 -9.29 9.82
N PHE B 310 -14.26 -9.06 9.79
CA PHE B 310 -15.24 -10.05 10.27
C PHE B 310 -15.96 -10.68 9.08
N THR B 311 -16.19 -11.99 9.14
CA THR B 311 -16.73 -12.69 7.97
C THR B 311 -17.42 -14.00 8.34
N ASN B 312 -18.36 -14.42 7.49
CA ASN B 312 -18.97 -15.75 7.58
C ASN B 312 -18.19 -16.83 6.84
N MET B 313 -17.11 -16.48 6.15
CA MET B 313 -16.28 -17.46 5.46
C MET B 313 -15.84 -18.57 6.44
N PRO B 314 -16.13 -19.84 6.14
CA PRO B 314 -15.63 -20.92 6.99
C PRO B 314 -14.10 -20.92 7.06
N LEU B 315 -13.58 -20.98 8.28
CA LEU B 315 -12.14 -20.87 8.50
C LEU B 315 -11.74 -21.76 9.67
N VAL B 316 -10.45 -22.06 9.76
CA VAL B 316 -9.90 -22.83 10.88
C VAL B 316 -9.32 -21.84 11.88
N PRO B 317 -9.83 -21.79 13.12
CA PRO B 317 -9.24 -20.87 14.10
C PRO B 317 -7.83 -21.28 14.46
N ASP B 318 -6.98 -20.27 14.68
CA ASP B 318 -5.61 -20.52 15.11
C ASP B 318 -5.55 -20.74 16.61
N LYS B 319 -4.42 -21.34 17.07
CA LYS B 319 -4.31 -21.53 18.52
C LYS B 319 -3.71 -20.28 19.16
N PRO B 320 -4.20 -19.91 20.34
CA PRO B 320 -3.50 -18.87 21.12
C PRO B 320 -2.09 -19.34 21.47
N ILE B 321 -1.23 -18.37 21.80
CA ILE B 321 0.17 -18.65 22.04
C ILE B 321 0.57 -18.13 23.41
N ASP B 322 1.49 -18.86 24.05
CA ASP B 322 2.04 -18.49 25.35
C ASP B 322 3.55 -18.63 25.27
N PHE B 323 4.25 -17.50 25.15
CA PHE B 323 5.70 -17.52 25.16
C PHE B 323 6.26 -16.73 26.35
N GLY B 324 5.47 -16.65 27.43
CA GLY B 324 5.97 -16.14 28.70
C GLY B 324 5.83 -14.65 28.93
N VAL B 325 5.00 -13.95 28.16
CA VAL B 325 4.88 -12.51 28.33
C VAL B 325 4.34 -12.16 29.70
N THR B 326 3.28 -12.85 30.13
CA THR B 326 2.64 -12.50 31.39
C THR B 326 3.64 -12.54 32.54
N GLU B 327 4.47 -13.58 32.56
CA GLU B 327 5.44 -13.74 33.64
C GLU B 327 6.57 -12.71 33.52
N PHE B 328 7.00 -12.39 32.30
CA PHE B 328 8.01 -11.35 32.13
C PHE B 328 7.46 -9.99 32.57
N CYS B 329 6.24 -9.66 32.16
CA CYS B 329 5.67 -8.37 32.53
C CYS B 329 5.45 -8.25 34.04
N GLU B 330 5.31 -9.38 34.74
CA GLU B 330 5.09 -9.32 36.19
C GLU B 330 6.25 -8.67 36.91
N THR B 331 7.48 -8.87 36.42
CA THR B 331 8.66 -8.32 37.10
C THR B 331 9.35 -7.20 36.33
N CYS B 332 9.00 -6.97 35.06
CA CYS B 332 9.74 -5.99 34.26
C CYS B 332 9.45 -4.53 34.66
N LYS B 333 8.24 -4.06 34.38
CA LYS B 333 7.78 -2.71 34.69
C LYS B 333 8.63 -1.60 34.06
N LYS B 334 9.38 -1.87 32.98
CA LYS B 334 10.17 -0.81 32.36
C LYS B 334 9.27 0.25 31.73
N CYS B 335 8.20 -0.17 31.05
CA CYS B 335 7.30 0.80 30.45
C CYS B 335 6.68 1.70 31.51
N ALA B 336 6.21 1.10 32.61
CA ALA B 336 5.61 1.88 33.68
C ALA B 336 6.60 2.91 34.24
N ARG B 337 7.89 2.58 34.28
CA ARG B 337 8.84 3.52 34.85
C ARG B 337 9.24 4.63 33.87
N GLU B 338 9.22 4.35 32.57
CA GLU B 338 9.59 5.35 31.57
C GLU B 338 8.42 6.20 31.08
N CYS B 339 7.19 5.76 31.31
CA CYS B 339 6.01 6.48 30.81
C CYS B 339 6.02 7.93 31.29
N PRO B 340 6.03 8.91 30.38
CA PRO B 340 6.13 10.32 30.82
C PRO B 340 4.92 10.81 31.60
N SER B 341 3.79 10.11 31.57
CA SER B 341 2.57 10.57 32.22
C SER B 341 2.17 9.70 33.39
N LYS B 342 2.97 8.69 33.74
CA LYS B 342 2.64 7.75 34.81
C LYS B 342 1.30 7.06 34.57
N ALA B 343 1.00 6.77 33.29
CA ALA B 343 -0.27 6.15 32.93
C ALA B 343 -0.29 4.65 33.21
N ILE B 344 0.85 3.99 33.15
CA ILE B 344 0.92 2.52 33.23
C ILE B 344 1.12 2.09 34.68
N THR B 345 0.30 1.16 35.14
CA THR B 345 0.38 0.73 36.53
C THR B 345 1.62 -0.12 36.78
N GLU B 346 2.11 -0.06 38.03
CA GLU B 346 3.15 -0.96 38.51
C GLU B 346 2.59 -2.08 39.37
N GLY B 347 1.28 -2.11 39.58
CA GLY B 347 0.65 -3.10 40.43
C GLY B 347 0.26 -4.36 39.68
N PRO B 348 -0.52 -5.22 40.33
CA PRO B 348 -0.92 -6.48 39.71
C PRO B 348 -2.20 -6.36 38.89
N ARG B 349 -2.51 -7.41 38.16
CA ARG B 349 -3.69 -7.42 37.30
C ARG B 349 -4.96 -7.57 38.13
N THR B 350 -6.00 -6.84 37.75
CA THR B 350 -7.31 -6.95 38.40
C THR B 350 -8.40 -7.00 37.33
N PHE B 351 -9.63 -7.28 37.79
CA PHE B 351 -10.83 -7.23 36.96
C PHE B 351 -11.53 -5.89 37.03
N GLU B 352 -10.97 -4.91 37.73
CA GLU B 352 -11.64 -3.64 38.00
C GLU B 352 -10.90 -2.51 37.29
N GLY B 353 -11.60 -1.85 36.37
CA GLY B 353 -10.98 -0.77 35.62
C GLY B 353 -10.64 0.42 36.52
N ARG B 354 -9.62 1.17 36.11
CA ARG B 354 -9.26 2.34 36.90
C ARG B 354 -10.16 3.52 36.61
N SER B 355 -10.79 3.58 35.44
CA SER B 355 -11.70 4.67 35.12
C SER B 355 -12.64 4.22 34.00
N ILE B 356 -13.45 5.16 33.50
CA ILE B 356 -14.43 4.88 32.46
C ILE B 356 -13.76 4.34 31.20
N HIS B 357 -12.49 4.68 30.97
CA HIS B 357 -11.82 4.28 29.73
C HIS B 357 -11.48 2.79 29.70
N ASN B 358 -11.52 2.09 30.83
CA ASN B 358 -11.25 0.67 30.90
C ASN B 358 -12.55 -0.13 30.89
N GLN B 359 -12.50 -1.30 30.26
CA GLN B 359 -13.61 -2.25 30.34
C GLN B 359 -13.39 -3.17 31.53
N SER B 360 -14.21 -3.00 32.58
CA SER B 360 -14.12 -3.87 33.74
C SER B 360 -14.62 -5.27 33.40
N GLY B 361 -14.18 -6.25 34.19
CA GLY B 361 -14.62 -7.63 34.04
C GLY B 361 -13.66 -8.57 33.36
N LYS B 362 -12.46 -8.12 33.01
CA LYS B 362 -11.47 -8.98 32.38
C LYS B 362 -10.13 -8.76 33.08
N LEU B 363 -9.40 -9.85 33.28
CA LEU B 363 -8.14 -9.78 34.01
C LEU B 363 -7.05 -9.16 33.15
N GLN B 364 -6.55 -7.99 33.56
CA GLN B 364 -5.58 -7.24 32.78
C GLN B 364 -4.86 -6.26 33.69
N TRP B 365 -3.76 -5.69 33.19
CA TRP B 365 -3.18 -4.55 33.87
C TRP B 365 -4.01 -3.32 33.54
N GLN B 366 -4.52 -2.65 34.58
CA GLN B 366 -5.45 -1.54 34.41
C GLN B 366 -4.68 -0.23 34.38
N ASN B 367 -4.72 0.47 33.24
CA ASN B 367 -3.95 1.69 33.06
C ASN B 367 -4.88 2.91 32.95
N ASP B 368 -4.34 4.09 33.27
CA ASP B 368 -5.10 5.34 33.24
C ASP B 368 -4.87 6.01 31.89
N TYR B 369 -5.81 5.84 30.98
CA TYR B 369 -5.58 6.28 29.61
C TYR B 369 -5.91 7.75 29.39
N ASN B 370 -6.56 8.42 30.34
CA ASN B 370 -6.62 9.88 30.29
C ASN B 370 -5.26 10.51 30.59
N LYS B 371 -4.50 9.90 31.50
CA LYS B 371 -3.13 10.36 31.73
C LYS B 371 -2.28 10.23 30.49
N CYS B 372 -2.40 9.11 29.78
CA CYS B 372 -1.67 8.93 28.53
C CYS B 372 -2.06 9.98 27.50
N LEU B 373 -3.34 10.12 27.21
CA LEU B 373 -3.74 11.09 26.20
C LEU B 373 -3.31 12.50 26.57
N GLY B 374 -3.28 12.81 27.87
CA GLY B 374 -2.86 14.15 28.29
C GLY B 374 -1.45 14.51 27.89
N TYR B 375 -0.58 13.53 27.70
CA TYR B 375 0.78 13.82 27.26
C TYR B 375 0.89 14.09 25.76
N TRP B 376 -0.16 13.81 24.98
CA TRP B 376 -0.05 14.02 23.53
C TRP B 376 -0.08 15.49 23.13
N PRO B 377 -1.00 16.33 23.63
CA PRO B 377 -0.87 17.77 23.34
C PRO B 377 0.39 18.37 23.89
N GLU B 378 0.90 17.84 25.01
N GLU B 378 0.88 17.86 25.02
CA GLU B 378 2.10 18.43 25.61
CA GLU B 378 2.08 18.41 25.62
C GLU B 378 3.34 18.15 24.78
C GLU B 378 3.30 18.16 24.74
N SER B 379 3.42 16.95 24.19
CA SER B 379 4.58 16.55 23.40
C SER B 379 4.38 16.73 21.90
N GLY B 380 3.15 17.01 21.46
CA GLY B 380 2.90 17.24 20.06
C GLY B 380 2.96 16.00 19.18
N GLY B 381 2.73 14.81 19.73
CA GLY B 381 2.81 13.57 18.98
C GLY B 381 1.90 12.49 19.54
N TYR B 382 2.26 11.23 19.27
CA TYR B 382 1.49 10.06 19.72
C TYR B 382 2.29 9.25 20.72
N CYS B 383 3.25 9.89 21.40
CA CYS B 383 4.18 9.25 22.33
C CYS B 383 4.73 7.95 21.76
N GLY B 384 4.38 6.83 22.36
CA GLY B 384 4.98 5.56 21.97
C GLY B 384 6.20 5.18 22.79
N VAL B 385 6.51 5.91 23.86
CA VAL B 385 7.70 5.58 24.66
C VAL B 385 7.60 4.16 25.19
N CYS B 386 6.40 3.74 25.60
CA CYS B 386 6.24 2.40 26.15
C CYS B 386 6.61 1.34 25.14
N VAL B 387 6.17 1.50 23.88
CA VAL B 387 6.54 0.57 22.83
C VAL B 387 8.05 0.61 22.57
N ALA B 388 8.62 1.82 22.60
CA ALA B 388 10.04 1.96 22.28
C ALA B 388 10.94 1.28 23.31
N VAL B 389 10.58 1.33 24.60
CA VAL B 389 11.46 0.81 25.64
C VAL B 389 11.22 -0.66 25.95
N CYS B 390 10.16 -1.26 25.40
CA CYS B 390 9.84 -2.65 25.75
C CYS B 390 10.93 -3.59 25.26
N PRO B 391 11.47 -4.46 26.11
CA PRO B 391 12.49 -5.42 25.64
C PRO B 391 12.02 -6.27 24.47
N PHE B 392 10.72 -6.57 24.36
CA PHE B 392 10.25 -7.35 23.23
C PHE B 392 10.34 -6.59 21.90
N THR B 393 10.44 -5.27 21.92
CA THR B 393 10.57 -4.52 20.68
C THR B 393 11.97 -4.67 20.07
N LYS B 394 12.99 -4.88 20.91
CA LYS B 394 14.38 -4.94 20.45
C LYS B 394 14.68 -6.13 19.52
N ASN B 431 19.82 9.84 17.03
CA ASN B 431 18.89 10.94 16.92
C ASN B 431 18.13 10.90 15.60
N ILE B 432 17.29 11.90 15.39
CA ILE B 432 16.42 11.86 14.21
C ILE B 432 17.20 12.10 12.93
N THR B 433 18.25 12.92 12.98
CA THR B 433 19.09 13.09 11.79
C THR B 433 19.66 11.76 11.32
N GLU B 434 20.12 10.94 12.26
CA GLU B 434 20.67 9.64 11.91
C GLU B 434 19.60 8.71 11.33
N VAL B 435 18.34 8.89 11.70
CA VAL B 435 17.29 8.09 11.09
C VAL B 435 17.08 8.50 9.63
N TRP B 436 16.93 9.80 9.38
CA TRP B 436 16.77 10.31 8.02
C TRP B 436 17.95 9.95 7.13
N ASP B 437 19.16 9.86 7.70
CA ASP B 437 20.34 9.50 6.94
C ASP B 437 20.65 8.00 6.98
N GLY B 438 19.83 7.20 7.67
CA GLY B 438 20.19 5.82 7.91
C GLY B 438 19.42 4.79 7.11
N LYS B 439 19.35 3.58 7.66
CA LYS B 439 18.81 2.43 6.94
C LYS B 439 17.30 2.58 6.74
N ILE B 440 16.83 2.23 5.54
CA ILE B 440 15.40 2.18 5.26
C ILE B 440 15.23 1.20 4.11
N ASN B 441 14.00 0.70 3.97
CA ASN B 441 13.63 -0.28 2.95
C ASN B 441 12.13 -0.15 2.75
N THR B 442 11.58 -0.97 1.85
CA THR B 442 10.21 -0.75 1.41
C THR B 442 9.22 -0.87 2.56
N TYR B 443 8.31 0.11 2.65
CA TYR B 443 7.31 0.22 3.73
C TYR B 443 7.94 0.29 5.12
N GLY B 444 9.22 0.63 5.20
CA GLY B 444 9.94 0.65 6.47
C GLY B 444 10.26 -0.72 7.04
N LEU B 445 10.04 -1.79 6.29
CA LEU B 445 10.39 -3.14 6.73
C LEU B 445 11.91 -3.31 6.71
N ASP B 446 12.39 -4.31 7.45
CA ASP B 446 13.82 -4.51 7.66
C ASP B 446 14.23 -5.87 7.12
N ALA B 447 15.13 -5.86 6.13
CA ALA B 447 15.58 -7.12 5.52
C ALA B 447 16.36 -7.99 6.49
N ASP B 448 16.87 -7.42 7.59
CA ASP B 448 17.57 -8.22 8.59
C ASP B 448 16.64 -9.15 9.35
N HIS B 449 15.33 -8.88 9.33
CA HIS B 449 14.36 -9.71 10.02
C HIS B 449 13.22 -10.20 9.15
N PHE B 450 13.11 -9.71 7.90
CA PHE B 450 11.95 -10.01 7.07
C PHE B 450 11.76 -11.50 6.84
N ARG B 451 12.81 -12.32 6.96
CA ARG B 451 12.55 -13.73 6.75
C ARG B 451 11.77 -14.39 7.87
N ASP B 452 11.72 -13.77 9.05
CA ASP B 452 10.89 -14.29 10.12
C ASP B 452 9.41 -14.36 9.75
N THR B 453 8.94 -13.58 8.77
CA THR B 453 7.53 -13.66 8.40
C THR B 453 7.30 -14.37 7.06
N VAL B 454 8.28 -15.12 6.54
CA VAL B 454 8.00 -15.94 5.36
C VAL B 454 6.94 -16.98 5.76
N SER B 455 6.12 -17.38 4.79
CA SER B 455 5.01 -18.28 5.05
C SER B 455 4.88 -19.32 3.95
N PHE B 456 4.69 -20.58 4.34
CA PHE B 456 4.32 -21.69 3.46
C PHE B 456 3.01 -22.28 3.96
N ARG B 457 2.38 -23.12 3.15
CA ARG B 457 1.08 -23.69 3.53
C ARG B 457 1.12 -24.29 4.93
N LYS B 458 2.22 -24.95 5.29
CA LYS B 458 2.29 -25.67 6.56
C LYS B 458 2.01 -24.73 7.74
N ASP B 459 2.41 -23.47 7.66
CA ASP B 459 2.19 -22.54 8.74
C ASP B 459 0.94 -21.68 8.57
N ARG B 460 0.26 -21.76 7.42
CA ARG B 460 -1.02 -21.08 7.26
C ARG B 460 -2.18 -21.91 7.78
N VAL B 461 -2.14 -23.23 7.62
CA VAL B 461 -3.22 -24.08 8.12
C VAL B 461 -2.75 -25.49 8.46
#